data_4RAC
#
_entry.id   4RAC
#
_cell.length_a   52.823
_cell.length_b   114.801
_cell.length_c   67.661
_cell.angle_alpha   90.00
_cell.angle_beta   98.33
_cell.angle_gamma   90.00
#
_symmetry.space_group_name_H-M   'P 1 21 1'
#
loop_
_entity.id
_entity.type
_entity.pdbx_description
1 polymer 'Hypoxanthine-guanine phosphoribosyltransferase'
2 non-polymer '[(2-{[2-(2-amino-6-oxo-1,6-dihydro-9H-purin-9-yl)ethyl][(E)-2-phosphonoethenyl]amino}ethoxy)methyl]phosphonic acid'
3 non-polymer 'MAGNESIUM ION'
4 water water
#
_entity_poly.entity_id   1
_entity_poly.type   'polypeptide(L)'
_entity_poly.pdbx_seq_one_letter_code
;ATRSPGVVISDDEPGYDLDLFCIPNHYAEDLERVFIPHGLIMDRTERLARDVMKEMGGHHIVALCVLKGGYKFFADLLDY
IKALNRNSDRSIPMTVDFIRLKSYCNDQSTGDIKVIGGDDLSTLTGKNVLIVEDIIDTGKTMQTLLSLVRQYNPKMVKVA
SLLVKRTPRSVGYKPDFVGFEIPDKFVVGYALDYNEYFRDLNHVCVISETGKAKYKA
;
_entity_poly.pdbx_strand_id   A,B,C,D
#
loop_
_chem_comp.id
_chem_comp.type
_chem_comp.name
_chem_comp.formula
3L4 non-polymer '[(2-{[2-(2-amino-6-oxo-1,6-dihydro-9H-purin-9-yl)ethyl][(E)-2-phosphonoethenyl]amino}ethoxy)methyl]phosphonic acid' 'C12 H20 N6 O8 P2'
MG non-polymer 'MAGNESIUM ION' 'Mg 2'
#
# COMPACT_ATOMS: atom_id res chain seq x y z
N SER A 4 -18.57 -14.30 -12.64
CA SER A 4 -18.20 -13.25 -13.59
C SER A 4 -17.01 -13.69 -14.44
N PRO A 5 -16.93 -13.19 -15.68
CA PRO A 5 -15.78 -13.47 -16.54
C PRO A 5 -14.69 -12.45 -16.31
N GLY A 6 -14.77 -11.69 -15.22
CA GLY A 6 -13.76 -10.69 -14.92
C GLY A 6 -13.98 -9.36 -15.64
N VAL A 7 -13.02 -8.45 -15.52
CA VAL A 7 -13.09 -7.15 -16.19
C VAL A 7 -12.80 -7.33 -17.68
N VAL A 8 -13.75 -6.97 -18.53
CA VAL A 8 -13.56 -7.12 -19.96
C VAL A 8 -12.81 -5.94 -20.57
N ILE A 9 -11.60 -6.19 -21.04
CA ILE A 9 -10.85 -5.21 -21.80
C ILE A 9 -11.12 -5.43 -23.27
N SER A 10 -11.70 -4.42 -23.91
CA SER A 10 -12.16 -4.49 -25.29
C SER A 10 -11.03 -4.73 -26.27
N ASP A 11 -11.37 -5.42 -27.36
CA ASP A 11 -10.45 -5.60 -28.48
C ASP A 11 -9.85 -4.30 -28.99
N ASP A 12 -10.59 -3.20 -28.91
CA ASP A 12 -10.10 -1.93 -29.45
C ASP A 12 -9.58 -0.98 -28.37
N GLU A 13 -9.32 -1.52 -27.18
CA GLU A 13 -8.71 -0.76 -26.10
C GLU A 13 -7.36 -0.17 -26.53
N PRO A 14 -7.20 1.15 -26.42
CA PRO A 14 -5.96 1.80 -26.88
C PRO A 14 -4.87 1.78 -25.82
N GLY A 15 -5.24 1.50 -24.59
CA GLY A 15 -4.30 1.66 -23.48
C GLY A 15 -3.95 3.13 -23.23
N TYR A 16 -2.91 3.36 -22.45
CA TYR A 16 -2.55 4.71 -22.02
C TYR A 16 -1.17 5.10 -22.47
N ASP A 17 -1.03 6.36 -22.85
CA ASP A 17 0.27 6.95 -23.16
C ASP A 17 1.22 6.75 -21.97
N LEU A 18 2.44 6.28 -22.25
CA LEU A 18 3.41 6.01 -21.22
C LEU A 18 3.70 7.26 -20.38
N ASP A 19 3.58 8.44 -21.00
CA ASP A 19 3.92 9.71 -20.37
C ASP A 19 2.98 10.14 -19.24
N LEU A 20 1.85 9.44 -19.11
CA LEU A 20 0.87 9.77 -18.07
C LEU A 20 1.14 8.97 -16.80
N PHE A 21 2.08 8.05 -16.87
CA PHE A 21 2.36 7.12 -15.76
C PHE A 21 3.81 7.12 -15.38
N CYS A 22 4.12 6.60 -14.19
CA CYS A 22 5.51 6.45 -13.81
C CYS A 22 5.93 5.06 -14.28
N ILE A 23 6.96 5.01 -15.12
CA ILE A 23 7.43 3.72 -15.61
C ILE A 23 8.94 3.70 -15.47
N PRO A 24 9.54 2.50 -15.34
CA PRO A 24 10.99 2.47 -15.16
C PRO A 24 11.71 3.06 -16.36
N ASN A 25 12.68 3.95 -16.12
CA ASN A 25 13.40 4.56 -17.22
C ASN A 25 14.07 3.56 -18.15
N HIS A 26 14.58 2.45 -17.62
CA HIS A 26 15.30 1.50 -18.47
C HIS A 26 14.40 0.82 -19.51
N TYR A 27 13.08 1.02 -19.39
CA TYR A 27 12.14 0.44 -20.35
C TYR A 27 11.43 1.51 -21.19
N ALA A 28 11.82 2.77 -21.00
CA ALA A 28 11.12 3.89 -21.61
C ALA A 28 10.95 3.76 -23.13
N GLU A 29 11.93 3.18 -23.79
CA GLU A 29 11.88 2.96 -25.22
C GLU A 29 11.30 1.59 -25.60
N ASP A 30 11.18 0.71 -24.62
CA ASP A 30 10.88 -0.70 -24.91
C ASP A 30 9.40 -1.02 -24.82
N LEU A 31 8.61 -0.05 -24.37
CA LEU A 31 7.19 -0.25 -24.16
C LEU A 31 6.43 0.66 -25.09
N GLU A 32 5.21 0.29 -25.45
CA GLU A 32 4.43 1.10 -26.38
C GLU A 32 3.30 1.85 -25.67
N ARG A 33 2.60 1.17 -24.77
CA ARG A 33 1.46 1.71 -24.04
C ARG A 33 1.32 0.94 -22.73
N VAL A 34 0.82 1.60 -21.69
CA VAL A 34 0.33 0.91 -20.52
C VAL A 34 -1.03 0.33 -20.89
N PHE A 35 -1.26 -0.94 -20.57
CA PHE A 35 -2.49 -1.61 -20.99
C PHE A 35 -3.40 -1.81 -19.81
N ILE A 36 -2.86 -2.29 -18.68
CA ILE A 36 -3.62 -2.32 -17.44
C ILE A 36 -2.77 -1.71 -16.35
N PRO A 37 -3.18 -0.53 -15.87
CA PRO A 37 -2.47 0.14 -14.77
C PRO A 37 -2.36 -0.75 -13.52
N HIS A 38 -1.21 -0.68 -12.87
CA HIS A 38 -0.96 -1.49 -11.69
C HIS A 38 -2.08 -1.35 -10.68
N GLY A 39 -2.53 -0.12 -10.45
CA GLY A 39 -3.56 0.14 -9.46
C GLY A 39 -4.91 -0.50 -9.75
N LEU A 40 -5.25 -0.60 -11.03
CA LEU A 40 -6.46 -1.29 -11.49
C LEU A 40 -6.33 -2.77 -11.18
N ILE A 41 -5.15 -3.33 -11.41
CA ILE A 41 -4.89 -4.73 -11.05
C ILE A 41 -5.12 -4.95 -9.56
N MET A 42 -4.62 -4.04 -8.71
CA MET A 42 -4.82 -4.19 -7.25
C MET A 42 -6.29 -4.14 -6.88
N ASP A 43 -7.00 -3.14 -7.41
CA ASP A 43 -8.45 -3.01 -7.15
C ASP A 43 -9.20 -4.29 -7.52
N ARG A 44 -8.91 -4.83 -8.69
CA ARG A 44 -9.58 -6.05 -9.14
C ARG A 44 -9.17 -7.24 -8.23
N THR A 45 -7.90 -7.31 -7.86
CA THR A 45 -7.41 -8.39 -7.00
C THR A 45 -8.05 -8.38 -5.60
N GLU A 46 -8.30 -7.17 -5.08
CA GLU A 46 -9.02 -7.02 -3.83
C GLU A 46 -10.41 -7.68 -3.89
N ARG A 47 -11.13 -7.44 -4.99
CA ARG A 47 -12.46 -8.01 -5.16
C ARG A 47 -12.39 -9.54 -5.28
N LEU A 48 -11.38 -10.01 -6.01
CA LEU A 48 -11.15 -11.43 -6.21
C LEU A 48 -10.91 -12.16 -4.88
N ALA A 49 -10.22 -11.51 -3.95
CA ALA A 49 -9.92 -12.13 -2.66
C ALA A 49 -11.22 -12.33 -1.89
N ARG A 50 -12.09 -11.33 -1.98
CA ARG A 50 -13.39 -11.42 -1.36
C ARG A 50 -14.22 -12.52 -2.03
N ASP A 51 -14.11 -12.65 -3.35
CA ASP A 51 -14.78 -13.75 -4.04
C ASP A 51 -14.23 -15.12 -3.57
N VAL A 52 -12.91 -15.21 -3.40
CA VAL A 52 -12.31 -16.47 -2.96
C VAL A 52 -12.81 -16.84 -1.57
N MET A 53 -12.80 -15.83 -0.69
CA MET A 53 -13.31 -15.96 0.67
C MET A 53 -14.77 -16.43 0.69
N LYS A 54 -15.57 -15.91 -0.23
CA LYS A 54 -16.98 -16.28 -0.26
C LYS A 54 -17.13 -17.73 -0.70
N GLU A 55 -16.23 -18.19 -1.57
CA GLU A 55 -16.41 -19.53 -2.14
C GLU A 55 -15.60 -20.60 -1.42
N MET A 56 -14.54 -20.19 -0.72
CA MET A 56 -13.67 -21.16 -0.07
C MET A 56 -13.56 -20.92 1.44
N GLY A 57 -14.19 -19.85 1.93
CA GLY A 57 -14.06 -19.45 3.32
C GLY A 57 -14.47 -20.51 4.32
N GLY A 58 -13.86 -20.46 5.51
CA GLY A 58 -14.10 -21.47 6.53
C GLY A 58 -13.55 -22.83 6.13
N HIS A 59 -12.48 -22.79 5.34
CA HIS A 59 -11.83 -24.01 4.87
C HIS A 59 -10.35 -23.70 4.72
N HIS A 60 -9.50 -24.71 4.90
CA HIS A 60 -8.07 -24.57 4.67
C HIS A 60 -7.82 -24.73 3.19
N ILE A 61 -6.90 -23.93 2.64
CA ILE A 61 -6.49 -24.12 1.27
C ILE A 61 -4.97 -24.19 1.15
N VAL A 62 -4.51 -24.90 0.13
CA VAL A 62 -3.12 -24.83 -0.30
C VAL A 62 -3.11 -23.89 -1.48
N ALA A 63 -2.41 -22.76 -1.33
CA ALA A 63 -2.32 -21.79 -2.40
C ALA A 63 -1.10 -22.14 -3.22
N LEU A 64 -1.34 -22.53 -4.48
CA LEU A 64 -0.27 -22.98 -5.36
C LEU A 64 0.13 -21.92 -6.41
N CYS A 65 1.34 -21.38 -6.25
CA CYS A 65 1.88 -20.33 -7.10
C CYS A 65 2.55 -20.90 -8.34
N VAL A 66 2.10 -20.48 -9.52
CA VAL A 66 2.71 -20.97 -10.77
C VAL A 66 3.74 -19.99 -11.29
N LEU A 67 5.01 -20.30 -11.02
CA LEU A 67 6.17 -19.49 -11.38
C LEU A 67 6.41 -19.53 -12.89
N LYS A 68 7.05 -18.49 -13.43
CA LYS A 68 7.53 -17.34 -12.67
C LYS A 68 6.48 -16.24 -12.63
N GLY A 69 5.71 -16.16 -13.71
CA GLY A 69 4.85 -15.01 -13.94
C GLY A 69 3.75 -14.83 -12.91
N GLY A 70 3.45 -15.89 -12.17
CA GLY A 70 2.36 -15.84 -11.22
C GLY A 70 2.72 -15.17 -9.92
N TYR A 71 4.02 -14.92 -9.71
CA TYR A 71 4.49 -14.56 -8.37
C TYR A 71 3.89 -13.23 -7.85
N LYS A 72 3.68 -12.24 -8.72
CA LYS A 72 3.16 -10.94 -8.25
C LYS A 72 1.69 -11.03 -7.85
N PHE A 73 0.89 -11.61 -8.73
CA PHE A 73 -0.54 -11.79 -8.51
C PHE A 73 -0.74 -12.67 -7.27
N PHE A 74 0.09 -13.70 -7.17
CA PHE A 74 0.07 -14.60 -6.00
C PHE A 74 0.28 -13.83 -4.70
N ALA A 75 1.39 -13.10 -4.61
CA ALA A 75 1.69 -12.35 -3.38
C ALA A 75 0.57 -11.35 -3.04
N ASP A 76 0.06 -10.64 -4.04
CA ASP A 76 -0.94 -9.60 -3.76
C ASP A 76 -2.29 -10.19 -3.37
N LEU A 77 -2.68 -11.26 -4.08
CA LEU A 77 -3.96 -11.91 -3.79
C LEU A 77 -3.93 -12.46 -2.38
N LEU A 78 -2.84 -13.16 -2.04
CA LEU A 78 -2.69 -13.68 -0.68
C LEU A 78 -2.68 -12.55 0.35
N ASP A 79 -2.04 -11.42 0.03
CA ASP A 79 -2.10 -10.27 0.96
C ASP A 79 -3.51 -9.75 1.16
N TYR A 80 -4.32 -9.71 0.10
CA TYR A 80 -5.69 -9.26 0.25
C TYR A 80 -6.51 -10.26 1.05
N ILE A 81 -6.23 -11.53 0.86
CA ILE A 81 -6.91 -12.57 1.64
C ILE A 81 -6.55 -12.45 3.12
N LYS A 82 -5.27 -12.18 3.39
CA LYS A 82 -4.77 -12.02 4.75
C LYS A 82 -5.44 -10.83 5.42
N ALA A 83 -5.64 -9.75 4.67
CA ALA A 83 -6.35 -8.59 5.21
C ALA A 83 -7.77 -8.95 5.70
N LEU A 84 -8.49 -9.78 4.93
CA LEU A 84 -9.79 -10.29 5.38
C LEU A 84 -9.61 -11.20 6.59
N ASN A 85 -8.58 -12.04 6.56
CA ASN A 85 -8.39 -13.02 7.64
C ASN A 85 -8.19 -12.35 9.00
N ARG A 86 -7.50 -11.23 9.02
CA ARG A 86 -7.17 -10.55 10.29
C ARG A 86 -8.15 -9.43 10.64
N ASN A 87 -9.21 -9.29 9.86
CA ASN A 87 -10.19 -8.25 10.12
C ASN A 87 -11.65 -8.75 10.13
N SER A 88 -11.80 -10.07 10.16
CA SER A 88 -13.11 -10.71 10.24
C SER A 88 -12.99 -11.91 11.18
N ASP A 89 -14.13 -12.53 11.48
CA ASP A 89 -14.12 -13.80 12.23
C ASP A 89 -14.30 -14.97 11.28
N ARG A 90 -14.47 -14.68 10.00
CA ARG A 90 -14.36 -15.71 8.97
C ARG A 90 -12.92 -15.74 8.48
N SER A 91 -12.38 -16.93 8.29
CA SER A 91 -10.95 -17.08 8.05
C SER A 91 -10.65 -18.23 7.11
N ILE A 92 -9.74 -18.00 6.17
CA ILE A 92 -9.21 -19.09 5.36
C ILE A 92 -7.75 -19.32 5.71
N PRO A 93 -7.48 -20.31 6.58
CA PRO A 93 -6.09 -20.66 6.85
C PRO A 93 -5.43 -21.15 5.54
N MET A 94 -4.21 -20.71 5.30
CA MET A 94 -3.55 -21.02 4.04
C MET A 94 -2.14 -21.56 4.25
N THR A 95 -1.77 -22.57 3.46
CA THR A 95 -0.37 -22.96 3.32
C THR A 95 0.02 -22.59 1.88
N VAL A 96 1.32 -22.45 1.59
CA VAL A 96 1.72 -22.03 0.25
C VAL A 96 2.66 -23.02 -0.42
N ASP A 97 2.51 -23.16 -1.72
CA ASP A 97 3.43 -23.95 -2.52
C ASP A 97 3.73 -23.28 -3.85
N PHE A 98 4.80 -23.75 -4.49
CA PHE A 98 5.26 -23.17 -5.73
C PHE A 98 5.52 -24.27 -6.74
N ILE A 99 5.25 -23.95 -8.00
CA ILE A 99 5.49 -24.88 -9.09
C ILE A 99 5.87 -24.02 -10.29
N ARG A 100 6.70 -24.56 -11.17
CA ARG A 100 7.03 -23.88 -12.42
C ARG A 100 6.84 -24.80 -13.64
N LEU A 101 6.15 -24.29 -14.65
CA LEU A 101 5.99 -25.00 -15.91
C LEU A 101 6.65 -24.19 -17.01
N LYS A 102 7.46 -24.85 -17.83
CA LYS A 102 8.29 -24.13 -18.79
C LYS A 102 8.13 -24.64 -20.22
N ILE A 113 6.89 -29.49 -22.55
CA ILE A 113 6.63 -28.80 -21.29
C ILE A 113 7.31 -29.46 -20.09
N LYS A 114 8.17 -28.69 -19.43
CA LYS A 114 8.92 -29.16 -18.28
C LYS A 114 8.28 -28.66 -16.98
N VAL A 115 8.03 -29.57 -16.04
CA VAL A 115 7.52 -29.23 -14.72
C VAL A 115 8.62 -29.24 -13.67
N ILE A 116 8.78 -28.12 -12.99
CA ILE A 116 9.83 -27.97 -11.97
C ILE A 116 9.23 -27.69 -10.60
N GLY A 117 9.69 -28.45 -9.60
CA GLY A 117 9.16 -28.33 -8.26
C GLY A 117 8.03 -29.31 -8.05
N GLY A 118 8.07 -30.40 -8.81
CA GLY A 118 6.92 -31.27 -8.94
C GLY A 118 6.58 -32.23 -7.83
N ASP A 119 7.43 -32.35 -6.80
CA ASP A 119 7.20 -33.40 -5.80
C ASP A 119 6.58 -32.98 -4.46
N ASP A 120 5.98 -31.78 -4.42
CA ASP A 120 5.10 -31.41 -3.31
C ASP A 120 3.65 -31.69 -3.72
N LEU A 121 3.48 -32.28 -4.89
CA LEU A 121 2.15 -32.55 -5.42
C LEU A 121 1.50 -33.74 -4.73
N SER A 122 2.32 -34.62 -4.17
CA SER A 122 1.82 -35.72 -3.37
C SER A 122 1.10 -35.20 -2.14
N THR A 123 1.57 -34.08 -1.62
CA THR A 123 1.06 -33.49 -0.38
C THR A 123 -0.35 -32.89 -0.53
N LEU A 124 -0.83 -32.82 -1.77
CA LEU A 124 -2.11 -32.18 -2.07
C LEU A 124 -3.29 -33.11 -1.87
N THR A 125 -3.01 -34.38 -1.58
CA THR A 125 -4.05 -35.39 -1.48
C THR A 125 -5.02 -35.03 -0.38
N GLY A 126 -6.31 -35.02 -0.70
CA GLY A 126 -7.35 -34.70 0.26
C GLY A 126 -7.44 -33.23 0.65
N LYS A 127 -6.66 -32.37 -0.01
CA LYS A 127 -6.63 -30.94 0.35
C LYS A 127 -7.49 -30.08 -0.60
N ASN A 128 -7.70 -28.82 -0.24
CA ASN A 128 -8.33 -27.86 -1.16
C ASN A 128 -7.26 -26.99 -1.79
N VAL A 129 -7.22 -26.95 -3.11
CA VAL A 129 -6.12 -26.29 -3.80
C VAL A 129 -6.61 -25.13 -4.65
N LEU A 130 -5.98 -23.96 -4.43
CA LEU A 130 -6.18 -22.77 -5.23
C LEU A 130 -4.93 -22.59 -6.10
N ILE A 131 -5.04 -22.88 -7.38
CA ILE A 131 -3.91 -22.61 -8.27
C ILE A 131 -3.97 -21.15 -8.70
N VAL A 132 -2.84 -20.49 -8.70
CA VAL A 132 -2.76 -19.09 -9.02
C VAL A 132 -1.83 -18.87 -10.21
N GLU A 133 -2.41 -18.41 -11.32
CA GLU A 133 -1.69 -18.17 -12.58
C GLU A 133 -1.70 -16.69 -13.02
N ASP A 134 -0.72 -16.29 -13.81
CA ASP A 134 -0.71 -14.95 -14.41
C ASP A 134 -1.71 -14.90 -15.57
N ILE A 135 -1.65 -15.88 -16.47
CA ILE A 135 -2.42 -15.81 -17.70
C ILE A 135 -2.85 -17.16 -18.28
N ILE A 136 -4.00 -17.18 -18.94
CA ILE A 136 -4.42 -18.31 -19.74
C ILE A 136 -4.51 -17.90 -21.20
N ASP A 137 -3.67 -18.51 -22.03
CA ASP A 137 -3.67 -18.28 -23.47
C ASP A 137 -4.28 -19.50 -24.18
N THR A 138 -3.46 -20.48 -24.55
CA THR A 138 -4.01 -21.66 -25.22
C THR A 138 -4.73 -22.55 -24.21
N GLY A 139 -4.40 -22.38 -22.93
CA GLY A 139 -4.94 -23.25 -21.89
C GLY A 139 -4.19 -24.56 -21.71
N LYS A 140 -3.17 -24.79 -22.54
CA LYS A 140 -2.44 -26.06 -22.51
C LYS A 140 -1.61 -26.25 -21.24
N THR A 141 -0.96 -25.17 -20.80
CA THR A 141 -0.26 -25.17 -19.52
C THR A 141 -1.23 -25.55 -18.40
N MET A 142 -2.37 -24.87 -18.33
CA MET A 142 -3.36 -25.16 -17.29
C MET A 142 -3.90 -26.60 -17.31
N GLN A 143 -4.30 -27.10 -18.48
CA GLN A 143 -4.76 -28.49 -18.61
C GLN A 143 -3.69 -29.48 -18.17
N THR A 144 -2.45 -29.25 -18.60
CA THR A 144 -1.35 -30.08 -18.18
C THR A 144 -1.23 -30.05 -16.66
N LEU A 145 -1.37 -28.87 -16.07
CA LEU A 145 -1.21 -28.72 -14.61
C LEU A 145 -2.37 -29.36 -13.84
N LEU A 146 -3.59 -29.13 -14.32
CA LEU A 146 -4.76 -29.77 -13.72
C LEU A 146 -4.63 -31.28 -13.68
N SER A 147 -4.28 -31.90 -14.80
CA SER A 147 -4.23 -33.36 -14.83
C SER A 147 -3.15 -33.88 -13.88
N LEU A 148 -2.06 -33.12 -13.75
CA LEU A 148 -1.00 -33.44 -12.80
C LEU A 148 -1.49 -33.41 -11.34
N VAL A 149 -2.18 -32.34 -10.96
CA VAL A 149 -2.73 -32.24 -9.62
C VAL A 149 -3.77 -33.33 -9.38
N ARG A 150 -4.66 -33.53 -10.35
CA ARG A 150 -5.73 -34.53 -10.23
C ARG A 150 -5.21 -35.95 -9.99
N GLN A 151 -4.01 -36.25 -10.48
CA GLN A 151 -3.39 -37.56 -10.24
C GLN A 151 -3.22 -37.86 -8.76
N TYR A 152 -3.19 -36.81 -7.95
CA TYR A 152 -2.95 -36.94 -6.51
C TYR A 152 -4.21 -36.82 -5.65
N ASN A 153 -5.36 -36.79 -6.30
CA ASN A 153 -6.66 -36.74 -5.61
C ASN A 153 -6.81 -35.70 -4.50
N PRO A 154 -6.84 -34.42 -4.87
CA PRO A 154 -7.17 -33.35 -3.93
C PRO A 154 -8.67 -33.38 -3.66
N LYS A 155 -9.12 -32.89 -2.50
CA LYS A 155 -10.55 -32.86 -2.26
C LYS A 155 -11.23 -31.87 -3.21
N MET A 156 -10.53 -30.79 -3.53
CA MET A 156 -11.10 -29.76 -4.40
C MET A 156 -9.99 -28.95 -5.06
N VAL A 157 -10.19 -28.58 -6.33
CA VAL A 157 -9.26 -27.71 -7.04
C VAL A 157 -9.98 -26.51 -7.65
N LYS A 158 -9.48 -25.31 -7.36
CA LYS A 158 -9.95 -24.09 -8.02
C LYS A 158 -8.77 -23.34 -8.62
N VAL A 159 -9.06 -22.57 -9.66
CA VAL A 159 -8.00 -21.85 -10.36
C VAL A 159 -8.31 -20.36 -10.47
N ALA A 160 -7.35 -19.53 -10.08
CA ALA A 160 -7.46 -18.09 -10.22
C ALA A 160 -6.45 -17.67 -11.26
N SER A 161 -6.89 -16.93 -12.27
CA SER A 161 -5.97 -16.44 -13.29
C SER A 161 -6.13 -14.93 -13.48
N LEU A 162 -5.04 -14.17 -13.31
CA LEU A 162 -5.14 -12.71 -13.44
C LEU A 162 -5.71 -12.32 -14.81
N LEU A 163 -5.23 -12.98 -15.86
CA LEU A 163 -5.63 -12.64 -17.23
C LEU A 163 -6.10 -13.86 -17.98
N VAL A 164 -7.10 -13.69 -18.83
CA VAL A 164 -7.57 -14.73 -19.72
C VAL A 164 -7.70 -14.07 -21.08
N LYS A 165 -7.05 -14.62 -22.11
CA LYS A 165 -7.13 -14.03 -23.43
C LYS A 165 -8.38 -14.51 -24.16
N ARG A 166 -9.01 -13.61 -24.89
CA ARG A 166 -10.02 -13.99 -25.86
C ARG A 166 -9.28 -14.47 -27.09
N THR A 167 -9.13 -15.77 -27.20
CA THR A 167 -8.40 -16.41 -28.30
C THR A 167 -8.98 -17.82 -28.42
N PRO A 168 -8.88 -18.44 -29.61
CA PRO A 168 -9.42 -19.80 -29.74
C PRO A 168 -8.65 -20.81 -28.89
N ARG A 169 -9.38 -21.62 -28.12
CA ARG A 169 -8.79 -22.68 -27.30
C ARG A 169 -9.32 -24.05 -27.68
N SER A 170 -8.44 -25.05 -27.64
CA SER A 170 -8.79 -26.41 -28.09
C SER A 170 -9.74 -27.11 -27.12
N VAL A 171 -9.66 -26.73 -25.84
CA VAL A 171 -10.73 -27.07 -24.91
C VAL A 171 -11.27 -25.76 -24.37
N GLY A 172 -12.51 -25.78 -23.89
CA GLY A 172 -13.17 -24.55 -23.50
C GLY A 172 -13.07 -24.26 -22.02
N TYR A 173 -11.87 -24.39 -21.47
CA TYR A 173 -11.68 -24.22 -20.03
C TYR A 173 -11.95 -22.80 -19.54
N LYS A 174 -12.64 -22.70 -18.41
CA LYS A 174 -12.84 -21.43 -17.73
C LYS A 174 -12.39 -21.54 -16.27
N PRO A 175 -11.43 -20.69 -15.88
CA PRO A 175 -10.97 -20.64 -14.49
C PRO A 175 -12.05 -20.10 -13.57
N ASP A 176 -11.92 -20.36 -12.29
CA ASP A 176 -12.95 -20.04 -11.32
C ASP A 176 -12.93 -18.55 -11.01
N PHE A 177 -11.74 -17.97 -11.02
CA PHE A 177 -11.57 -16.56 -10.70
C PHE A 177 -10.72 -15.94 -11.80
N VAL A 178 -11.23 -14.86 -12.38
CA VAL A 178 -10.53 -14.18 -13.47
C VAL A 178 -10.42 -12.70 -13.14
N GLY A 179 -9.22 -12.15 -13.26
CA GLY A 179 -9.03 -10.74 -13.04
C GLY A 179 -9.59 -9.99 -14.23
N PHE A 180 -8.94 -10.18 -15.38
CA PHE A 180 -9.28 -9.45 -16.61
C PHE A 180 -9.37 -10.39 -17.81
N GLU A 181 -10.35 -10.14 -18.67
CA GLU A 181 -10.44 -10.82 -19.95
C GLU A 181 -9.91 -9.87 -21.03
N ILE A 182 -8.78 -10.23 -21.65
CA ILE A 182 -8.08 -9.35 -22.57
C ILE A 182 -8.10 -9.78 -24.05
N PRO A 183 -7.87 -8.81 -24.97
CA PRO A 183 -7.69 -9.10 -26.40
C PRO A 183 -6.54 -10.07 -26.61
N ASP A 184 -6.48 -10.67 -27.79
CA ASP A 184 -5.42 -11.59 -28.15
C ASP A 184 -4.17 -10.79 -28.53
N LYS A 185 -3.53 -10.19 -27.52
CA LYS A 185 -2.33 -9.37 -27.69
C LYS A 185 -1.30 -9.85 -26.68
N PHE A 186 -0.02 -9.74 -27.03
CA PHE A 186 1.04 -10.16 -26.12
C PHE A 186 1.31 -9.06 -25.09
N VAL A 187 1.14 -9.37 -23.81
CA VAL A 187 1.33 -8.35 -22.77
C VAL A 187 2.47 -8.74 -21.86
N VAL A 188 3.03 -7.75 -21.16
CA VAL A 188 4.16 -7.91 -20.27
C VAL A 188 3.96 -7.02 -19.05
N GLY A 189 4.78 -7.24 -18.03
CA GLY A 189 4.63 -6.50 -16.79
C GLY A 189 3.82 -7.24 -15.75
N TYR A 190 3.82 -6.73 -14.52
CA TYR A 190 3.23 -7.38 -13.36
C TYR A 190 3.69 -8.83 -13.31
N ALA A 191 5.00 -9.03 -13.57
CA ALA A 191 5.69 -10.32 -13.55
C ALA A 191 5.63 -11.13 -14.84
N LEU A 192 4.78 -10.74 -15.79
CA LEU A 192 4.78 -11.41 -17.10
C LEU A 192 5.94 -10.91 -17.94
N ASP A 193 6.62 -11.81 -18.64
CA ASP A 193 7.86 -11.48 -19.31
C ASP A 193 7.85 -11.60 -20.81
N TYR A 194 8.86 -11.00 -21.43
CA TYR A 194 9.27 -11.31 -22.77
C TYR A 194 10.73 -11.70 -22.67
N ASN A 195 11.02 -13.00 -22.85
CA ASN A 195 12.36 -13.54 -22.67
C ASN A 195 13.03 -13.08 -21.36
N GLU A 196 12.29 -13.15 -20.27
CA GLU A 196 12.75 -12.82 -18.90
C GLU A 196 12.77 -11.32 -18.57
N TYR A 197 12.64 -10.48 -19.59
CA TYR A 197 12.55 -9.03 -19.36
C TYR A 197 11.12 -8.61 -19.04
N PHE A 198 10.99 -7.44 -18.41
CA PHE A 198 9.69 -6.81 -18.11
C PHE A 198 8.98 -7.37 -16.89
N ARG A 199 9.60 -8.32 -16.20
CA ARG A 199 8.98 -8.81 -14.97
C ARG A 199 9.05 -7.74 -13.89
N ASP A 200 10.12 -6.92 -13.93
CA ASP A 200 10.36 -5.82 -12.98
C ASP A 200 9.61 -4.55 -13.39
N LEU A 201 8.30 -4.69 -13.57
CA LEU A 201 7.45 -3.62 -14.04
C LEU A 201 6.08 -3.89 -13.44
N ASN A 202 5.51 -2.85 -12.83
CA ASN A 202 4.26 -2.99 -12.08
C ASN A 202 3.01 -2.98 -12.96
N HIS A 203 3.03 -2.23 -14.07
CA HIS A 203 1.86 -2.16 -14.96
C HIS A 203 1.87 -3.32 -15.98
N VAL A 204 0.69 -3.75 -16.42
CA VAL A 204 0.66 -4.61 -17.60
C VAL A 204 0.72 -3.70 -18.86
N CYS A 205 1.60 -4.04 -19.80
CA CYS A 205 1.84 -3.17 -20.93
C CYS A 205 2.01 -3.96 -22.24
N VAL A 206 1.99 -3.25 -23.36
CA VAL A 206 2.33 -3.86 -24.62
C VAL A 206 3.66 -3.29 -25.06
N ILE A 207 4.43 -4.11 -25.74
CA ILE A 207 5.82 -3.83 -25.96
C ILE A 207 6.01 -3.13 -27.31
N SER A 208 7.01 -2.26 -27.40
CA SER A 208 7.31 -1.55 -28.64
C SER A 208 8.13 -2.43 -29.57
N GLU A 209 8.18 -2.03 -30.84
CA GLU A 209 8.93 -2.80 -31.82
C GLU A 209 10.43 -2.82 -31.48
N THR A 210 10.90 -1.75 -30.85
CA THR A 210 12.29 -1.71 -30.41
C THR A 210 12.50 -2.59 -29.17
N GLY A 211 11.45 -2.76 -28.38
CA GLY A 211 11.49 -3.69 -27.27
C GLY A 211 11.61 -5.13 -27.74
N LYS A 212 10.81 -5.48 -28.75
CA LYS A 212 10.76 -6.83 -29.30
C LYS A 212 12.09 -7.23 -29.92
N ALA A 213 12.76 -6.27 -30.55
CA ALA A 213 14.04 -6.49 -31.19
C ALA A 213 15.19 -6.54 -30.18
N LYS A 214 15.20 -5.61 -29.22
CA LYS A 214 16.27 -5.56 -28.22
C LYS A 214 16.38 -6.86 -27.43
N TYR A 215 15.24 -7.41 -27.04
CA TYR A 215 15.23 -8.54 -26.13
C TYR A 215 14.88 -9.85 -26.82
N LYS A 216 14.88 -9.85 -28.13
CA LYS A 216 14.60 -11.05 -28.91
C LYS A 216 15.69 -12.07 -28.60
N ALA A 217 15.27 -13.29 -28.25
CA ALA A 217 16.23 -14.34 -27.90
C ALA A 217 16.82 -14.97 -29.15
N SER B 4 -0.72 16.11 -20.21
CA SER B 4 -0.78 17.57 -20.28
C SER B 4 -2.22 18.06 -20.09
N PRO B 5 -3.18 17.49 -20.85
CA PRO B 5 -4.54 17.67 -20.34
C PRO B 5 -4.90 16.48 -19.47
N GLY B 6 -3.91 15.64 -19.15
CA GLY B 6 -4.12 14.52 -18.27
C GLY B 6 -4.63 13.26 -18.97
N VAL B 7 -5.05 12.29 -18.18
CA VAL B 7 -5.68 11.08 -18.72
C VAL B 7 -7.07 11.46 -19.19
N VAL B 8 -7.33 11.35 -20.49
CA VAL B 8 -8.62 11.70 -21.06
C VAL B 8 -9.60 10.54 -21.01
N ILE B 9 -10.66 10.74 -20.24
CA ILE B 9 -11.77 9.80 -20.25
C ILE B 9 -12.87 10.32 -21.21
N SER B 10 -13.12 9.55 -22.26
CA SER B 10 -14.09 9.90 -23.31
C SER B 10 -15.52 10.01 -22.84
N ASP B 11 -16.29 10.77 -23.60
CA ASP B 11 -17.73 10.88 -23.38
C ASP B 11 -18.46 9.54 -23.44
N ASP B 12 -18.02 8.63 -24.31
CA ASP B 12 -18.71 7.35 -24.49
C ASP B 12 -18.12 6.24 -23.61
N GLU B 13 -17.19 6.60 -22.73
CA GLU B 13 -16.58 5.65 -21.80
C GLU B 13 -17.67 4.97 -20.98
N PRO B 14 -17.69 3.63 -20.99
CA PRO B 14 -18.74 2.91 -20.27
C PRO B 14 -18.50 2.78 -18.77
N GLY B 15 -17.26 2.99 -18.34
CA GLY B 15 -16.91 2.76 -16.94
C GLY B 15 -16.89 1.27 -16.63
N TYR B 16 -16.89 0.91 -15.35
CA TYR B 16 -16.94 -0.52 -15.00
C TYR B 16 -18.16 -0.90 -14.16
N ASP B 17 -18.63 -2.13 -14.38
CA ASP B 17 -19.71 -2.70 -13.58
C ASP B 17 -19.25 -2.68 -12.13
N LEU B 18 -20.17 -2.34 -11.22
CA LEU B 18 -19.89 -2.29 -9.79
C LEU B 18 -19.46 -3.63 -9.23
N ASP B 19 -20.01 -4.71 -9.79
CA ASP B 19 -19.84 -6.05 -9.26
C ASP B 19 -18.41 -6.56 -9.42
N LEU B 20 -17.60 -5.85 -10.20
CA LEU B 20 -16.22 -6.24 -10.43
C LEU B 20 -15.25 -5.65 -9.41
N PHE B 21 -15.76 -4.78 -8.55
CA PHE B 21 -14.92 -4.13 -7.53
C PHE B 21 -15.48 -4.31 -6.12
N CYS B 22 -14.64 -4.06 -5.13
CA CYS B 22 -15.13 -4.01 -3.75
C CYS B 22 -15.73 -2.64 -3.48
N ILE B 23 -17.00 -2.64 -3.10
CA ILE B 23 -17.73 -1.40 -2.90
C ILE B 23 -18.55 -1.51 -1.62
N PRO B 24 -18.60 -0.41 -0.83
CA PRO B 24 -19.37 -0.44 0.42
C PRO B 24 -20.81 -0.83 0.12
N ASN B 25 -21.37 -1.70 0.95
CA ASN B 25 -22.70 -2.22 0.71
C ASN B 25 -23.75 -1.13 0.74
N HIS B 26 -23.53 -0.11 1.57
CA HIS B 26 -24.51 0.97 1.74
C HIS B 26 -24.60 1.89 0.51
N TYR B 27 -23.71 1.71 -0.45
CA TYR B 27 -23.74 2.47 -1.71
C TYR B 27 -24.04 1.59 -2.92
N ALA B 28 -24.32 0.32 -2.66
CA ALA B 28 -24.48 -0.70 -3.71
C ALA B 28 -25.49 -0.33 -4.82
N GLU B 29 -26.68 0.10 -4.44
CA GLU B 29 -27.73 0.38 -5.42
C GLU B 29 -27.79 1.85 -5.81
N ASP B 30 -26.86 2.64 -5.29
CA ASP B 30 -26.86 4.09 -5.49
C ASP B 30 -25.85 4.54 -6.55
N LEU B 31 -25.07 3.60 -7.06
CA LEU B 31 -24.02 3.95 -8.02
C LEU B 31 -24.33 3.36 -9.38
N GLU B 32 -23.95 4.08 -10.44
CA GLU B 32 -24.22 3.58 -11.79
C GLU B 32 -23.06 2.72 -12.26
N ARG B 33 -21.87 3.31 -12.35
CA ARG B 33 -20.66 2.59 -12.73
C ARG B 33 -19.49 3.14 -11.95
N VAL B 34 -18.41 2.35 -11.87
CA VAL B 34 -17.13 2.88 -11.44
C VAL B 34 -16.46 3.56 -12.63
N PHE B 35 -15.99 4.78 -12.39
CA PHE B 35 -15.42 5.60 -13.46
C PHE B 35 -13.90 5.61 -13.40
N ILE B 36 -13.36 5.88 -12.23
CA ILE B 36 -11.93 5.81 -12.05
C ILE B 36 -11.64 5.02 -10.80
N PRO B 37 -11.15 3.80 -10.98
CA PRO B 37 -10.79 2.91 -9.88
C PRO B 37 -9.75 3.58 -9.00
N HIS B 38 -9.87 3.39 -7.69
CA HIS B 38 -8.92 3.95 -6.72
C HIS B 38 -7.46 3.78 -7.14
N GLY B 39 -7.12 2.58 -7.57
CA GLY B 39 -5.76 2.28 -7.95
C GLY B 39 -5.25 3.09 -9.13
N LEU B 40 -6.12 3.34 -10.11
CA LEU B 40 -5.77 4.18 -11.25
C LEU B 40 -5.54 5.59 -10.76
N ILE B 41 -6.37 6.02 -9.83
CA ILE B 41 -6.17 7.36 -9.26
C ILE B 41 -4.80 7.42 -8.66
N MET B 42 -4.43 6.37 -7.91
CA MET B 42 -3.09 6.30 -7.31
C MET B 42 -1.96 6.36 -8.32
N ASP B 43 -2.04 5.50 -9.35
CA ASP B 43 -1.00 5.49 -10.38
C ASP B 43 -0.86 6.87 -11.05
N ARG B 44 -1.98 7.51 -11.38
CA ARG B 44 -1.92 8.85 -11.99
C ARG B 44 -1.28 9.85 -11.03
N THR B 45 -1.64 9.76 -9.76
CA THR B 45 -1.15 10.71 -8.74
C THR B 45 0.36 10.53 -8.49
N GLU B 46 0.87 9.30 -8.65
CA GLU B 46 2.30 9.07 -8.53
C GLU B 46 3.08 9.85 -9.60
N ARG B 47 2.60 9.79 -10.85
CA ARG B 47 3.25 10.52 -11.93
C ARG B 47 3.15 12.04 -11.70
N LEU B 48 2.00 12.49 -11.23
CA LEU B 48 1.80 13.91 -10.93
C LEU B 48 2.83 14.41 -9.91
N ALA B 49 3.07 13.60 -8.86
CA ALA B 49 4.09 13.89 -7.86
C ALA B 49 5.41 14.17 -8.52
N ARG B 50 5.79 13.29 -9.44
CA ARG B 50 7.06 13.45 -10.11
C ARG B 50 7.05 14.70 -10.99
N ASP B 51 5.90 15.01 -11.56
CA ASP B 51 5.77 16.20 -12.39
C ASP B 51 5.95 17.46 -11.51
N VAL B 52 5.34 17.46 -10.33
CA VAL B 52 5.50 18.55 -9.37
C VAL B 52 6.96 18.67 -8.91
N MET B 53 7.60 17.53 -8.67
CA MET B 53 9.00 17.52 -8.27
C MET B 53 9.88 18.05 -9.40
N LYS B 54 9.50 17.79 -10.65
CA LYS B 54 10.25 18.32 -11.79
C LYS B 54 10.05 19.84 -11.93
N GLU B 55 8.84 20.33 -11.70
CA GLU B 55 8.56 21.77 -11.83
C GLU B 55 9.00 22.61 -10.63
N MET B 56 8.78 22.11 -9.42
CA MET B 56 8.98 22.91 -8.22
C MET B 56 10.11 22.41 -7.31
N GLY B 57 10.78 21.34 -7.74
CA GLY B 57 11.82 20.71 -6.95
C GLY B 57 12.99 21.60 -6.57
N GLY B 58 13.54 21.36 -5.38
CA GLY B 58 14.67 22.12 -4.90
C GLY B 58 14.27 23.38 -4.16
N HIS B 59 12.96 23.62 -4.09
CA HIS B 59 12.45 24.81 -3.42
C HIS B 59 11.41 24.45 -2.37
N HIS B 60 11.19 25.36 -1.43
CA HIS B 60 10.18 25.15 -0.40
C HIS B 60 8.80 25.42 -0.97
N ILE B 61 7.83 24.62 -0.55
CA ILE B 61 6.48 24.71 -1.07
C ILE B 61 5.49 24.73 0.09
N VAL B 62 4.47 25.57 -0.03
CA VAL B 62 3.30 25.42 0.82
C VAL B 62 2.28 24.66 -0.01
N ALA B 63 1.90 23.51 0.49
CA ALA B 63 0.83 22.75 -0.12
C ALA B 63 -0.49 23.16 0.52
N LEU B 64 -1.38 23.71 -0.30
CA LEU B 64 -2.66 24.22 0.18
C LEU B 64 -3.81 23.29 -0.22
N CYS B 65 -4.35 22.58 0.77
CA CYS B 65 -5.48 21.67 0.56
C CYS B 65 -6.83 22.38 0.50
N VAL B 66 -7.56 22.20 -0.60
CA VAL B 66 -8.90 22.76 -0.68
C VAL B 66 -9.98 21.78 -0.18
N LEU B 67 -10.43 21.99 1.06
CA LEU B 67 -11.40 21.13 1.72
C LEU B 67 -12.81 21.26 1.13
N LYS B 68 -13.64 20.21 1.26
CA LYS B 68 -13.29 18.96 1.91
C LYS B 68 -12.81 17.98 0.88
N GLY B 69 -13.32 18.14 -0.34
CA GLY B 69 -13.13 17.16 -1.40
C GLY B 69 -11.68 16.95 -1.83
N GLY B 70 -10.84 17.94 -1.56
CA GLY B 70 -9.45 17.81 -1.94
C GLY B 70 -8.62 16.93 -1.01
N TYR B 71 -9.14 16.58 0.16
CA TYR B 71 -8.30 16.00 1.23
C TYR B 71 -7.61 14.68 0.86
N LYS B 72 -8.29 13.80 0.12
CA LYS B 72 -7.69 12.50 -0.25
C LYS B 72 -6.57 12.65 -1.28
N PHE B 73 -6.86 13.43 -2.32
CA PHE B 73 -5.89 13.68 -3.36
C PHE B 73 -4.68 14.38 -2.74
N PHE B 74 -4.95 15.33 -1.85
CA PHE B 74 -3.90 16.07 -1.16
C PHE B 74 -3.01 15.12 -0.35
N ALA B 75 -3.64 14.25 0.44
CA ALA B 75 -2.88 13.32 1.28
C ALA B 75 -2.01 12.38 0.46
N ASP B 76 -2.59 11.80 -0.58
CA ASP B 76 -1.85 10.82 -1.40
C ASP B 76 -0.78 11.48 -2.24
N LEU B 77 -1.10 12.65 -2.78
CA LEU B 77 -0.13 13.35 -3.62
C LEU B 77 1.06 13.71 -2.77
N LEU B 78 0.82 14.25 -1.57
CA LEU B 78 1.93 14.56 -0.68
C LEU B 78 2.71 13.31 -0.25
N ASP B 79 2.00 12.20 -0.07
CA ASP B 79 2.71 10.97 0.31
C ASP B 79 3.68 10.54 -0.79
N TYR B 80 3.25 10.68 -2.04
CA TYR B 80 4.12 10.37 -3.16
C TYR B 80 5.30 11.35 -3.27
N ILE B 81 5.05 12.61 -2.92
CA ILE B 81 6.14 13.60 -2.95
C ILE B 81 7.16 13.28 -1.84
N LYS B 82 6.65 12.89 -0.69
CA LYS B 82 7.50 12.55 0.43
C LYS B 82 8.34 11.32 0.08
N ALA B 83 7.74 10.42 -0.70
CA ALA B 83 8.46 9.23 -1.17
C ALA B 83 9.67 9.66 -1.99
N LEU B 84 9.45 10.62 -2.88
CA LEU B 84 10.55 11.19 -3.68
C LEU B 84 11.55 11.90 -2.79
N ASN B 85 11.06 12.56 -1.75
CA ASN B 85 11.93 13.33 -0.86
C ASN B 85 12.91 12.49 -0.06
N ARG B 86 12.61 11.19 0.02
CA ARG B 86 13.51 10.25 0.67
C ARG B 86 14.54 9.74 -0.32
N ASN B 87 14.93 10.58 -1.29
CA ASN B 87 15.93 10.24 -2.30
C ASN B 87 16.67 11.42 -2.93
N SER B 88 17.77 11.83 -2.31
CA SER B 88 18.69 12.81 -2.90
C SER B 88 18.09 14.20 -3.12
N SER B 91 14.88 17.13 -3.41
CA SER B 91 14.02 17.37 -2.25
C SER B 91 13.15 18.65 -2.38
N ILE B 92 11.86 18.50 -2.08
CA ILE B 92 10.95 19.63 -1.89
C ILE B 92 10.55 19.70 -0.40
N PRO B 93 11.22 20.57 0.39
CA PRO B 93 10.72 20.74 1.76
C PRO B 93 9.31 21.32 1.72
N MET B 94 8.40 20.78 2.52
CA MET B 94 7.00 21.19 2.44
C MET B 94 6.40 21.59 3.79
N THR B 95 5.65 22.68 3.80
CA THR B 95 4.67 22.93 4.84
C THR B 95 3.29 22.82 4.19
N VAL B 96 2.25 22.73 5.02
CA VAL B 96 0.90 22.52 4.51
C VAL B 96 -0.09 23.48 5.16
N ASP B 97 -1.20 23.74 4.47
CA ASP B 97 -2.30 24.51 5.02
C ASP B 97 -3.59 24.04 4.39
N PHE B 98 -4.71 24.51 4.93
CA PHE B 98 -6.01 24.03 4.50
C PHE B 98 -6.91 25.25 4.30
N ILE B 99 -7.83 25.15 3.34
CA ILE B 99 -8.83 26.19 3.11
C ILE B 99 -10.12 25.51 2.62
N ARG B 100 -11.28 26.05 3.01
CA ARG B 100 -12.55 25.58 2.49
C ARG B 100 -13.30 26.69 1.77
N LEU B 101 -13.79 26.38 0.57
CA LEU B 101 -14.73 27.24 -0.13
C LEU B 101 -16.05 26.49 -0.28
N LYS B 102 -17.15 27.16 0.07
CA LYS B 102 -18.48 26.58 -0.06
C LYS B 102 -19.44 27.58 -0.72
N SER B 103 -20.34 27.09 -1.55
CA SER B 103 -21.29 27.97 -2.24
C SER B 103 -22.63 28.02 -1.52
N ASP B 112 -23.18 32.63 -4.22
CA ASP B 112 -22.17 33.26 -3.38
C ASP B 112 -21.26 32.23 -2.72
N ILE B 113 -19.97 32.32 -3.02
CA ILE B 113 -18.98 31.37 -2.48
C ILE B 113 -18.35 31.92 -1.20
N LYS B 114 -18.46 31.15 -0.13
CA LYS B 114 -17.98 31.57 1.19
C LYS B 114 -16.69 30.84 1.60
N VAL B 115 -15.81 31.56 2.28
CA VAL B 115 -14.50 31.07 2.68
C VAL B 115 -14.48 30.62 4.14
N ILE B 116 -13.75 29.54 4.43
CA ILE B 116 -13.50 29.16 5.82
C ILE B 116 -12.03 28.85 6.08
N ASP B 120 -5.54 31.34 9.03
CA ASP B 120 -4.94 32.57 8.53
C ASP B 120 -3.92 32.32 7.42
N LEU B 121 -4.13 32.98 6.28
CA LEU B 121 -3.34 32.73 5.07
C LEU B 121 -2.05 33.55 4.95
N SER B 122 -1.62 34.14 6.05
CA SER B 122 -0.36 34.89 6.07
C SER B 122 0.80 33.99 5.68
N THR B 123 0.69 32.73 6.04
CA THR B 123 1.68 31.72 5.71
C THR B 123 2.14 31.79 4.25
N LEU B 124 1.18 31.96 3.34
CA LEU B 124 1.40 31.92 1.89
C LEU B 124 2.38 32.98 1.38
N THR B 125 2.52 34.06 2.13
CA THR B 125 3.26 35.24 1.67
C THR B 125 4.72 34.94 1.34
N GLY B 126 5.15 35.35 0.14
CA GLY B 126 6.51 35.10 -0.30
C GLY B 126 6.88 33.62 -0.52
N LYS B 127 5.89 32.74 -0.48
CA LYS B 127 6.17 31.31 -0.66
C LYS B 127 5.70 30.82 -2.01
N ASN B 128 6.21 29.65 -2.39
CA ASN B 128 5.73 28.94 -3.57
C ASN B 128 4.54 28.11 -3.13
N VAL B 129 3.40 28.32 -3.77
CA VAL B 129 2.19 27.68 -3.34
C VAL B 129 1.68 26.69 -4.37
N LEU B 130 1.32 25.50 -3.89
CA LEU B 130 0.68 24.48 -4.70
C LEU B 130 -0.74 24.31 -4.16
N ILE B 131 -1.72 24.74 -4.92
CA ILE B 131 -3.11 24.55 -4.56
C ILE B 131 -3.53 23.17 -5.00
N VAL B 132 -4.10 22.38 -4.08
CA VAL B 132 -4.55 21.02 -4.37
C VAL B 132 -6.07 20.90 -4.35
N GLU B 133 -6.66 20.62 -5.51
CA GLU B 133 -8.11 20.62 -5.63
C GLU B 133 -8.60 19.25 -6.14
N ASP B 134 -9.85 18.92 -5.87
CA ASP B 134 -10.43 17.67 -6.37
C ASP B 134 -10.89 17.76 -7.84
N ILE B 135 -11.56 18.86 -8.17
CA ILE B 135 -12.23 18.97 -9.46
C ILE B 135 -12.41 20.42 -9.90
N ILE B 136 -12.22 20.68 -11.18
CA ILE B 136 -12.54 21.98 -11.75
C ILE B 136 -13.73 21.78 -12.66
N ASP B 137 -14.80 22.55 -12.46
CA ASP B 137 -15.96 22.40 -13.33
C ASP B 137 -16.20 23.71 -14.10
N THR B 138 -16.90 24.66 -13.50
CA THR B 138 -17.09 25.96 -14.13
C THR B 138 -15.80 26.78 -14.07
N GLY B 139 -15.00 26.53 -13.04
CA GLY B 139 -13.80 27.28 -12.80
C GLY B 139 -14.06 28.47 -11.89
N LYS B 140 -15.29 28.64 -11.43
CA LYS B 140 -15.64 29.75 -10.54
C LYS B 140 -14.87 29.68 -9.24
N THR B 141 -14.87 28.49 -8.64
CA THR B 141 -14.22 28.28 -7.35
C THR B 141 -12.76 28.68 -7.46
N MET B 142 -12.11 28.23 -8.53
CA MET B 142 -10.67 28.46 -8.70
C MET B 142 -10.32 29.92 -8.97
N GLN B 143 -11.18 30.64 -9.66
CA GLN B 143 -10.97 32.08 -9.84
C GLN B 143 -11.16 32.82 -8.51
N THR B 144 -12.22 32.46 -7.78
CA THR B 144 -12.42 32.93 -6.41
C THR B 144 -11.18 32.69 -5.55
N LEU B 145 -10.61 31.49 -5.65
CA LEU B 145 -9.48 31.11 -4.81
C LEU B 145 -8.20 31.84 -5.19
N LEU B 146 -7.91 31.93 -6.49
CA LEU B 146 -6.68 32.57 -6.93
C LEU B 146 -6.72 34.05 -6.58
N SER B 147 -7.91 34.64 -6.73
CA SER B 147 -8.11 36.03 -6.35
C SER B 147 -7.64 36.31 -4.92
N LEU B 148 -8.18 35.54 -3.97
CA LEU B 148 -7.84 35.69 -2.55
C LEU B 148 -6.36 35.40 -2.33
N VAL B 149 -5.92 34.22 -2.79
CA VAL B 149 -4.55 33.76 -2.55
C VAL B 149 -3.51 34.79 -2.99
N ARG B 150 -3.71 35.37 -4.16
CA ARG B 150 -2.76 36.33 -4.68
C ARG B 150 -2.72 37.61 -3.85
N GLN B 151 -3.73 37.80 -3.00
CA GLN B 151 -3.77 38.99 -2.16
C GLN B 151 -2.86 38.82 -0.93
N TYR B 152 -2.46 37.58 -0.67
CA TYR B 152 -1.49 37.32 0.39
C TYR B 152 -0.07 37.35 -0.15
N ASN B 153 0.07 37.76 -1.41
CA ASN B 153 1.37 37.92 -2.05
C ASN B 153 2.32 36.71 -1.97
N PRO B 154 2.05 35.66 -2.75
CA PRO B 154 2.96 34.51 -2.79
C PRO B 154 4.00 34.73 -3.87
N LYS B 155 5.10 33.98 -3.82
CA LYS B 155 6.14 34.09 -4.84
C LYS B 155 5.66 33.47 -6.15
N MET B 156 5.00 32.32 -6.04
CA MET B 156 4.55 31.55 -7.20
C MET B 156 3.33 30.78 -6.77
N VAL B 157 2.37 30.59 -7.68
CA VAL B 157 1.23 29.73 -7.45
C VAL B 157 1.10 28.73 -8.59
N LYS B 158 1.05 27.45 -8.24
CA LYS B 158 0.66 26.42 -9.20
C LYS B 158 -0.58 25.70 -8.69
N VAL B 159 -1.32 25.10 -9.61
CA VAL B 159 -2.57 24.45 -9.27
C VAL B 159 -2.59 23.00 -9.78
N ALA B 160 -2.88 22.07 -8.88
CA ALA B 160 -3.10 20.66 -9.22
C ALA B 160 -4.56 20.33 -8.94
N SER B 161 -5.24 19.74 -9.93
CA SER B 161 -6.59 19.27 -9.76
C SER B 161 -6.68 17.84 -10.28
N LEU B 162 -7.21 16.94 -9.45
CA LEU B 162 -7.31 15.54 -9.81
C LEU B 162 -8.17 15.43 -11.05
N LEU B 163 -9.27 16.18 -11.06
CA LEU B 163 -10.23 16.08 -12.15
C LEU B 163 -10.50 17.44 -12.79
N VAL B 164 -10.70 17.44 -14.10
CA VAL B 164 -11.17 18.63 -14.82
C VAL B 164 -12.30 18.15 -15.72
N LYS B 165 -13.45 18.79 -15.62
CA LYS B 165 -14.61 18.32 -16.33
C LYS B 165 -14.70 19.08 -17.65
N ARG B 166 -14.91 18.33 -18.74
CA ARG B 166 -15.16 18.91 -20.06
C ARG B 166 -16.56 19.49 -20.10
N THR B 167 -16.65 20.80 -20.22
CA THR B 167 -17.95 21.44 -20.15
C THR B 167 -17.99 22.68 -21.03
N PRO B 168 -19.15 22.92 -21.67
CA PRO B 168 -19.38 24.15 -22.43
C PRO B 168 -19.55 25.34 -21.48
N ARG B 169 -20.00 25.06 -20.25
CA ARG B 169 -20.13 26.07 -19.19
C ARG B 169 -18.74 26.49 -18.74
N SER B 170 -18.01 27.18 -19.60
CA SER B 170 -16.60 27.38 -19.34
C SER B 170 -16.21 28.81 -19.02
N VAL B 171 -15.27 28.93 -18.10
CA VAL B 171 -14.33 30.04 -18.11
C VAL B 171 -13.08 29.66 -18.93
N GLY B 172 -12.47 28.49 -18.70
CA GLY B 172 -12.78 27.54 -17.64
C GLY B 172 -11.74 27.65 -16.55
N TYR B 173 -10.79 26.72 -16.58
CA TYR B 173 -9.50 26.92 -15.94
C TYR B 173 -8.59 25.77 -16.35
N LYS B 174 -7.40 26.11 -16.84
CA LYS B 174 -6.38 25.10 -17.05
C LYS B 174 -5.38 25.08 -15.88
N PRO B 175 -5.47 24.04 -15.04
CA PRO B 175 -4.53 23.88 -13.93
C PRO B 175 -3.18 23.50 -14.48
N ASP B 176 -2.13 23.65 -13.69
CA ASP B 176 -0.80 23.24 -14.11
C ASP B 176 -0.64 21.71 -14.09
N PHE B 177 -1.35 21.06 -13.18
CA PHE B 177 -1.27 19.61 -13.07
C PHE B 177 -2.68 19.07 -13.02
N VAL B 178 -2.98 18.13 -13.92
CA VAL B 178 -4.32 17.56 -14.04
C VAL B 178 -4.25 16.05 -14.03
N GLY B 179 -5.04 15.41 -13.16
CA GLY B 179 -5.08 13.96 -13.10
C GLY B 179 -5.80 13.34 -14.30
N PHE B 180 -7.09 13.65 -14.41
CA PHE B 180 -7.97 13.12 -15.43
C PHE B 180 -8.88 14.23 -15.98
N GLU B 181 -9.16 14.17 -17.27
CA GLU B 181 -10.17 15.04 -17.87
C GLU B 181 -11.37 14.17 -18.18
N ILE B 182 -12.50 14.51 -17.59
CA ILE B 182 -13.68 13.66 -17.61
C ILE B 182 -14.88 14.31 -18.33
N PRO B 183 -15.88 13.49 -18.73
CA PRO B 183 -17.13 13.99 -19.31
C PRO B 183 -17.95 14.82 -18.32
N ASP B 184 -18.93 15.55 -18.84
CA ASP B 184 -19.84 16.36 -18.03
C ASP B 184 -20.83 15.45 -17.29
N LYS B 185 -20.34 14.65 -16.35
CA LYS B 185 -21.21 13.82 -15.53
C LYS B 185 -20.89 14.07 -14.07
N PHE B 186 -21.89 13.96 -13.20
CA PHE B 186 -21.65 14.22 -11.77
C PHE B 186 -21.00 13.01 -11.11
N VAL B 187 -19.76 13.17 -10.67
CA VAL B 187 -19.04 12.06 -10.04
C VAL B 187 -18.90 12.20 -8.52
N VAL B 188 -18.74 11.06 -7.85
CA VAL B 188 -18.56 11.02 -6.40
C VAL B 188 -17.51 9.97 -6.08
N GLY B 189 -16.98 10.03 -4.86
CA GLY B 189 -15.97 9.09 -4.45
C GLY B 189 -14.61 9.74 -4.37
N TYR B 190 -13.66 9.06 -3.72
CA TYR B 190 -12.33 9.61 -3.49
C TYR B 190 -12.44 11.01 -2.88
N ALA B 191 -13.35 11.13 -1.90
CA ALA B 191 -13.63 12.35 -1.14
C ALA B 191 -14.57 13.36 -1.79
N LEU B 192 -14.92 13.18 -3.07
CA LEU B 192 -15.92 14.06 -3.68
C LEU B 192 -17.31 13.60 -3.21
N ASP B 193 -18.20 14.55 -2.91
CA ASP B 193 -19.47 14.20 -2.27
C ASP B 193 -20.68 14.41 -3.13
N TYR B 194 -21.80 13.80 -2.71
CA TYR B 194 -23.11 14.30 -3.06
C TYR B 194 -23.86 14.56 -1.77
N ASN B 195 -24.10 15.83 -1.45
CA ASN B 195 -24.71 16.22 -0.19
C ASN B 195 -24.01 15.60 1.01
N GLU B 196 -22.68 15.67 0.98
CA GLU B 196 -21.77 15.20 2.04
C GLU B 196 -21.59 13.69 2.07
N TYR B 197 -22.38 12.97 1.28
CA TYR B 197 -22.22 11.52 1.21
C TYR B 197 -21.22 11.12 0.14
N PHE B 198 -20.87 9.84 0.15
CA PHE B 198 -19.95 9.26 -0.83
C PHE B 198 -18.49 9.69 -0.68
N ARG B 199 -18.16 10.43 0.36
CA ARG B 199 -16.77 10.76 0.58
C ARG B 199 -16.00 9.53 1.05
N ASP B 200 -16.71 8.61 1.70
CA ASP B 200 -16.14 7.36 2.24
C ASP B 200 -16.16 6.24 1.21
N LEU B 201 -15.73 6.56 0.00
CA LEU B 201 -15.78 5.61 -1.10
C LEU B 201 -14.48 5.83 -1.83
N ASN B 202 -13.70 4.79 -2.02
CA ASN B 202 -12.36 5.01 -2.55
C ASN B 202 -12.30 5.19 -4.07
N HIS B 203 -13.29 4.67 -4.79
CA HIS B 203 -13.32 4.80 -6.25
C HIS B 203 -14.11 6.05 -6.66
N VAL B 204 -13.74 6.64 -7.80
CA VAL B 204 -14.59 7.68 -8.36
C VAL B 204 -15.67 7.01 -9.21
N CYS B 205 -16.93 7.36 -8.92
CA CYS B 205 -18.08 6.74 -9.59
C CYS B 205 -19.12 7.77 -10.02
N VAL B 206 -19.96 7.36 -10.96
CA VAL B 206 -21.12 8.13 -11.35
C VAL B 206 -22.27 7.75 -10.43
N ILE B 207 -22.81 8.75 -9.73
CA ILE B 207 -23.95 8.53 -8.85
C ILE B 207 -25.23 8.26 -9.66
N SER B 208 -26.07 7.36 -9.15
CA SER B 208 -27.34 7.05 -9.76
C SER B 208 -28.34 8.16 -9.48
N GLU B 209 -29.33 8.34 -10.36
CA GLU B 209 -30.37 9.34 -10.13
C GLU B 209 -31.25 8.88 -8.97
N THR B 210 -31.49 7.58 -8.94
CA THR B 210 -32.18 6.95 -7.84
C THR B 210 -31.29 7.05 -6.57
N GLY B 211 -29.99 7.16 -6.77
CA GLY B 211 -29.07 7.32 -5.66
C GLY B 211 -29.12 8.72 -5.09
N LYS B 212 -29.27 9.71 -5.97
CA LYS B 212 -29.38 11.10 -5.56
C LYS B 212 -30.60 11.30 -4.68
N ALA B 213 -31.67 10.58 -5.00
CA ALA B 213 -32.93 10.76 -4.29
C ALA B 213 -32.82 10.24 -2.85
N LYS B 214 -31.87 9.34 -2.62
CA LYS B 214 -31.71 8.71 -1.32
C LYS B 214 -30.95 9.57 -0.30
N TYR B 215 -30.19 10.55 -0.78
CA TYR B 215 -29.34 11.36 0.11
C TYR B 215 -29.65 12.86 0.09
N LYS B 216 -30.66 13.26 0.84
CA LYS B 216 -31.04 14.67 0.94
C LYS B 216 -30.83 15.18 2.36
N GLY C 6 22.25 -3.64 10.65
CA GLY C 6 20.81 -3.85 10.65
C GLY C 6 20.21 -3.44 11.98
N VAL C 7 18.89 -3.56 12.08
CA VAL C 7 18.17 -3.25 13.32
C VAL C 7 18.41 -4.36 14.35
N VAL C 8 19.04 -4.01 15.47
CA VAL C 8 19.31 -5.02 16.50
C VAL C 8 18.11 -5.25 17.42
N ILE C 9 17.56 -6.46 17.40
CA ILE C 9 16.56 -6.84 18.39
C ILE C 9 17.25 -7.54 19.56
N SER C 10 17.08 -7.02 20.77
CA SER C 10 17.78 -7.50 21.97
C SER C 10 17.22 -8.78 22.53
N ASP C 11 18.03 -9.48 23.31
CA ASP C 11 17.62 -10.73 23.92
C ASP C 11 16.42 -10.60 24.85
N ASP C 12 16.30 -9.46 25.53
CA ASP C 12 15.17 -9.24 26.44
C ASP C 12 14.01 -8.47 25.81
N GLU C 13 14.03 -8.30 24.50
CA GLU C 13 12.92 -7.71 23.78
C GLU C 13 11.65 -8.52 24.05
N PRO C 14 10.63 -7.88 24.66
CA PRO C 14 9.39 -8.52 25.09
C PRO C 14 8.31 -8.64 23.99
N GLY C 15 8.53 -8.00 22.84
CA GLY C 15 7.54 -7.99 21.78
C GLY C 15 6.27 -7.27 22.20
N TYR C 16 5.22 -7.41 21.41
CA TYR C 16 3.96 -6.72 21.73
C TYR C 16 2.81 -7.68 21.96
N ASP C 17 1.88 -7.27 22.82
CA ASP C 17 0.62 -7.99 23.02
C ASP C 17 -0.17 -8.06 21.71
N LEU C 18 -0.64 -9.27 21.39
CA LEU C 18 -1.43 -9.51 20.19
C LEU C 18 -2.65 -8.60 20.05
N ASP C 19 -3.22 -8.20 21.18
CA ASP C 19 -4.46 -7.42 21.17
C ASP C 19 -4.25 -5.98 20.69
N LEU C 20 -2.99 -5.59 20.50
CA LEU C 20 -2.69 -4.25 20.02
C LEU C 20 -2.63 -4.23 18.50
N PHE C 21 -2.56 -5.42 17.89
CA PHE C 21 -2.42 -5.51 16.44
C PHE C 21 -3.52 -6.34 15.81
N CYS C 22 -3.62 -6.27 14.49
CA CYS C 22 -4.52 -7.12 13.75
C CYS C 22 -3.79 -8.40 13.40
N ILE C 23 -4.33 -9.53 13.86
CA ILE C 23 -3.71 -10.81 13.57
C ILE C 23 -4.75 -11.76 12.96
N PRO C 24 -4.31 -12.75 12.16
CA PRO C 24 -5.24 -13.70 11.56
C PRO C 24 -6.11 -14.38 12.61
N ASN C 25 -7.41 -14.41 12.35
CA ASN C 25 -8.38 -14.98 13.25
C ASN C 25 -7.99 -16.39 13.69
N HIS C 26 -7.54 -17.21 12.73
CA HIS C 26 -7.20 -18.61 13.01
C HIS C 26 -5.89 -18.85 13.79
N TYR C 27 -5.10 -17.80 14.03
CA TYR C 27 -3.87 -17.95 14.81
C TYR C 27 -3.96 -17.19 16.14
N ALA C 28 -5.15 -16.67 16.44
CA ALA C 28 -5.39 -15.90 17.66
C ALA C 28 -4.86 -16.53 18.95
N GLU C 29 -4.98 -17.86 19.05
CA GLU C 29 -4.51 -18.55 20.26
C GLU C 29 -3.17 -19.25 20.05
N ASP C 30 -2.58 -19.11 18.86
CA ASP C 30 -1.41 -19.89 18.50
C ASP C 30 -0.10 -19.10 18.59
N LEU C 31 -0.23 -17.80 18.81
CA LEU C 31 0.92 -16.91 18.90
C LEU C 31 1.07 -16.40 20.32
N GLU C 32 2.29 -16.09 20.73
CA GLU C 32 2.53 -15.60 22.08
C GLU C 32 2.64 -14.08 22.12
N ARG C 33 3.47 -13.52 21.23
CA ARG C 33 3.66 -12.07 21.11
C ARG C 33 3.96 -11.71 19.67
N VAL C 34 3.68 -10.46 19.28
CA VAL C 34 4.23 -9.97 18.02
C VAL C 34 5.67 -9.57 18.25
N PHE C 35 6.56 -10.14 17.47
CA PHE C 35 7.99 -9.87 17.60
C PHE C 35 8.42 -8.67 16.76
N ILE C 36 8.22 -8.76 15.45
CA ILE C 36 8.51 -7.64 14.57
C ILE C 36 7.26 -7.28 13.77
N PRO C 37 6.66 -6.12 14.05
CA PRO C 37 5.47 -5.70 13.31
C PRO C 37 5.72 -5.56 11.81
N HIS C 38 4.75 -6.02 11.03
CA HIS C 38 4.79 -5.93 9.56
C HIS C 38 5.26 -4.58 9.03
N GLY C 39 4.71 -3.51 9.60
CA GLY C 39 5.05 -2.17 9.15
C GLY C 39 6.52 -1.83 9.35
N LEU C 40 7.09 -2.30 10.47
CA LEU C 40 8.51 -2.15 10.76
C LEU C 40 9.36 -2.86 9.72
N ILE C 41 9.03 -4.13 9.44
CA ILE C 41 9.61 -4.84 8.30
C ILE C 41 9.53 -4.02 6.99
N MET C 42 8.38 -3.42 6.69
CA MET C 42 8.27 -2.59 5.48
C MET C 42 9.26 -1.43 5.47
N ASP C 43 9.27 -0.65 6.55
CA ASP C 43 10.14 0.52 6.66
C ASP C 43 11.59 0.14 6.49
N ARG C 44 11.99 -0.95 7.16
CA ARG C 44 13.37 -1.38 7.10
C ARG C 44 13.70 -1.87 5.70
N THR C 45 12.76 -2.58 5.07
CA THR C 45 12.96 -3.05 3.70
C THR C 45 13.05 -1.89 2.70
N GLU C 46 12.30 -0.81 2.94
CA GLU C 46 12.42 0.36 2.09
C GLU C 46 13.86 0.88 2.10
N ARG C 47 14.46 1.00 3.28
CA ARG C 47 15.85 1.45 3.40
C ARG C 47 16.80 0.46 2.76
N LEU C 48 16.60 -0.83 3.01
CA LEU C 48 17.41 -1.86 2.38
C LEU C 48 17.39 -1.74 0.85
N ALA C 49 16.22 -1.47 0.25
CA ALA C 49 16.16 -1.25 -1.20
C ALA C 49 17.09 -0.12 -1.66
N ARG C 50 17.13 0.98 -0.92
CA ARG C 50 18.05 2.06 -1.25
C ARG C 50 19.51 1.67 -1.09
N ASP C 51 19.80 0.87 -0.07
CA ASP C 51 21.16 0.39 0.17
C ASP C 51 21.55 -0.53 -0.97
N VAL C 52 20.61 -1.34 -1.44
CA VAL C 52 20.87 -2.19 -2.58
C VAL C 52 21.20 -1.34 -3.80
N MET C 53 20.41 -0.29 -4.03
CA MET C 53 20.66 0.60 -5.18
C MET C 53 21.98 1.31 -5.11
N LYS C 54 22.32 1.81 -3.93
CA LYS C 54 23.59 2.49 -3.76
C LYS C 54 24.77 1.54 -4.04
N GLU C 55 24.58 0.25 -3.77
CA GLU C 55 25.67 -0.71 -3.93
C GLU C 55 25.72 -1.32 -5.33
N MET C 56 24.58 -1.78 -5.84
CA MET C 56 24.55 -2.49 -7.11
C MET C 56 23.97 -1.69 -8.27
N GLY C 57 23.78 -0.39 -8.05
CA GLY C 57 23.04 0.46 -8.98
C GLY C 57 23.52 0.62 -10.41
N GLY C 58 24.78 0.37 -10.68
CA GLY C 58 25.23 0.57 -12.06
C GLY C 58 24.70 -0.47 -13.05
N HIS C 59 24.21 -1.59 -12.53
CA HIS C 59 24.18 -2.79 -13.34
C HIS C 59 22.87 -3.55 -13.39
N HIS C 60 22.72 -4.38 -14.40
CA HIS C 60 21.61 -5.32 -14.50
C HIS C 60 21.83 -6.41 -13.46
N ILE C 61 20.75 -6.79 -12.80
CA ILE C 61 20.85 -7.68 -11.67
C ILE C 61 19.90 -8.85 -11.86
N VAL C 62 20.31 -10.03 -11.41
CA VAL C 62 19.38 -11.15 -11.33
C VAL C 62 19.03 -11.37 -9.87
N ALA C 63 17.75 -11.24 -9.56
CA ALA C 63 17.32 -11.40 -8.18
C ALA C 63 16.85 -12.81 -7.97
N LEU C 64 17.54 -13.51 -7.08
CA LEU C 64 17.29 -14.93 -6.85
C LEU C 64 16.55 -15.13 -5.54
N CYS C 65 15.30 -15.53 -5.63
CA CYS C 65 14.44 -15.73 -4.46
C CYS C 65 14.60 -17.14 -3.87
N VAL C 66 14.95 -17.23 -2.59
CA VAL C 66 15.06 -18.54 -1.93
C VAL C 66 13.74 -18.97 -1.27
N LEU C 67 13.06 -19.89 -1.93
CA LEU C 67 11.73 -20.35 -1.50
C LEU C 67 11.88 -21.29 -0.29
N LYS C 68 10.84 -21.44 0.54
CA LYS C 68 9.55 -20.77 0.39
C LYS C 68 9.58 -19.46 1.15
N GLY C 69 10.29 -19.47 2.28
CA GLY C 69 10.20 -18.37 3.23
C GLY C 69 10.69 -17.04 2.69
N GLY C 70 11.50 -17.09 1.65
CA GLY C 70 12.00 -15.88 1.04
C GLY C 70 10.99 -15.07 0.24
N TYR C 71 9.81 -15.63 -0.04
CA TYR C 71 8.93 -15.02 -1.07
C TYR C 71 8.38 -13.63 -0.71
N LYS C 72 8.06 -13.42 0.56
CA LYS C 72 7.46 -12.14 0.98
C LYS C 72 8.47 -11.03 0.94
N PHE C 73 9.60 -11.25 1.61
CA PHE C 73 10.72 -10.31 1.59
C PHE C 73 11.13 -9.95 0.16
N PHE C 74 11.20 -10.98 -0.68
CA PHE C 74 11.56 -10.87 -2.08
C PHE C 74 10.60 -9.96 -2.88
N ALA C 75 9.32 -10.25 -2.78
CA ALA C 75 8.35 -9.45 -3.52
C ALA C 75 8.38 -8.01 -3.02
N ASP C 76 8.40 -7.82 -1.70
CA ASP C 76 8.40 -6.47 -1.14
C ASP C 76 9.68 -5.68 -1.46
N LEU C 77 10.83 -6.27 -1.22
CA LEU C 77 12.10 -5.66 -1.56
C LEU C 77 12.15 -5.23 -3.03
N LEU C 78 11.78 -6.13 -3.93
CA LEU C 78 11.81 -5.82 -5.35
C LEU C 78 10.87 -4.69 -5.70
N ASP C 79 9.68 -4.68 -5.07
CA ASP C 79 8.75 -3.59 -5.23
C ASP C 79 9.33 -2.23 -4.82
N TYR C 80 10.05 -2.19 -3.70
CA TYR C 80 10.68 -0.93 -3.28
C TYR C 80 11.77 -0.56 -4.27
N ILE C 81 12.48 -1.56 -4.77
CA ILE C 81 13.50 -1.32 -5.80
C ILE C 81 12.85 -0.78 -7.10
N LYS C 82 11.71 -1.39 -7.48
CA LYS C 82 10.95 -0.92 -8.63
C LYS C 82 10.51 0.53 -8.47
N ALA C 83 10.08 0.89 -7.25
CA ALA C 83 9.74 2.29 -6.97
C ALA C 83 10.91 3.23 -7.23
N LEU C 84 12.11 2.84 -6.81
CA LEU C 84 13.31 3.63 -7.14
C LEU C 84 13.57 3.69 -8.64
N ASN C 85 13.47 2.55 -9.32
CA ASN C 85 13.72 2.51 -10.78
C ASN C 85 12.82 3.42 -11.62
N ARG C 86 11.62 3.74 -11.13
CA ARG C 86 10.68 4.49 -11.96
C ARG C 86 10.56 5.95 -11.50
N ASN C 87 11.16 6.27 -10.35
CA ASN C 87 11.06 7.61 -9.78
C ASN C 87 12.40 8.30 -9.53
N SER C 88 13.50 7.64 -9.89
CA SER C 88 14.83 8.18 -9.65
C SER C 88 15.59 8.27 -10.95
N ASP C 89 16.75 8.91 -10.91
CA ASP C 89 17.66 8.87 -12.05
C ASP C 89 18.43 7.56 -12.01
N ARG C 90 18.69 7.05 -10.80
CA ARG C 90 19.39 5.79 -10.63
C ARG C 90 18.55 4.60 -11.12
N SER C 91 19.19 3.48 -11.38
CA SER C 91 18.54 2.39 -12.10
C SER C 91 19.15 1.01 -11.83
N ILE C 92 18.33 0.00 -11.56
CA ILE C 92 18.79 -1.39 -11.60
C ILE C 92 17.82 -2.26 -12.40
N PRO C 93 18.10 -2.49 -13.69
CA PRO C 93 17.28 -3.42 -14.47
C PRO C 93 17.35 -4.83 -13.86
N MET C 94 16.20 -5.46 -13.64
CA MET C 94 16.18 -6.75 -12.97
C MET C 94 15.47 -7.87 -13.75
N THR C 95 16.09 -9.06 -13.75
CA THR C 95 15.39 -10.29 -14.09
C THR C 95 15.30 -11.09 -12.80
N VAL C 96 14.41 -12.08 -12.75
CA VAL C 96 14.19 -12.81 -11.50
C VAL C 96 14.29 -14.33 -11.69
N ASP C 97 14.60 -15.03 -10.59
CA ASP C 97 14.75 -16.47 -10.58
C ASP C 97 14.38 -16.98 -9.21
N PHE C 98 13.94 -18.23 -9.14
CA PHE C 98 13.51 -18.81 -7.89
C PHE C 98 14.21 -20.13 -7.65
N ILE C 99 14.62 -20.36 -6.42
CA ILE C 99 15.29 -21.60 -6.06
C ILE C 99 14.74 -22.10 -4.73
N ARG C 100 14.68 -23.42 -4.57
CA ARG C 100 14.29 -23.96 -3.28
C ARG C 100 15.29 -24.96 -2.70
N LEU C 101 15.68 -24.74 -1.45
CA LEU C 101 16.46 -25.72 -0.70
C LEU C 101 15.61 -26.31 0.40
N LYS C 102 15.55 -27.63 0.47
CA LYS C 102 14.70 -28.34 1.42
C LYS C 102 15.49 -29.33 2.27
N ASP C 112 22.23 -33.71 2.88
CA ASP C 112 21.02 -33.42 3.66
C ASP C 112 20.19 -32.28 3.09
N ILE C 113 20.79 -31.45 2.24
CA ILE C 113 20.06 -30.34 1.61
C ILE C 113 19.82 -30.54 0.12
N LYS C 114 18.58 -30.84 -0.23
CA LYS C 114 18.20 -31.00 -1.62
C LYS C 114 17.84 -29.64 -2.21
N VAL C 115 18.23 -29.44 -3.46
CA VAL C 115 17.99 -28.20 -4.19
C VAL C 115 16.98 -28.45 -5.31
N ILE C 116 15.95 -27.60 -5.40
CA ILE C 116 14.96 -27.70 -6.46
C ILE C 116 14.95 -26.44 -7.33
N GLY C 117 15.07 -26.61 -8.64
CA GLY C 117 14.95 -25.48 -9.54
C GLY C 117 16.28 -24.90 -9.98
N GLY C 118 17.33 -25.71 -9.86
CA GLY C 118 18.64 -25.37 -10.42
C GLY C 118 19.50 -26.61 -10.63
N ASP C 119 19.29 -27.41 -11.70
CA ASP C 119 18.44 -27.15 -12.88
C ASP C 119 18.79 -25.82 -13.56
N ASP C 120 17.87 -25.32 -14.38
CA ASP C 120 17.76 -23.88 -14.65
C ASP C 120 19.09 -23.18 -14.92
N LEU C 121 19.13 -21.92 -14.48
CA LEU C 121 20.29 -21.32 -13.83
C LEU C 121 21.59 -20.98 -14.57
N SER C 122 21.63 -21.07 -15.89
CA SER C 122 22.75 -20.49 -16.60
C SER C 122 22.51 -18.99 -16.79
N THR C 123 21.28 -18.57 -16.45
CA THR C 123 20.95 -17.16 -16.38
C THR C 123 21.89 -16.42 -15.44
N LEU C 124 22.48 -17.15 -14.49
CA LEU C 124 23.35 -16.55 -13.49
C LEU C 124 24.75 -16.29 -14.04
N THR C 125 25.12 -17.04 -15.07
CA THR C 125 26.47 -16.96 -15.60
C THR C 125 26.83 -15.57 -16.12
N GLY C 126 27.91 -15.02 -15.58
CA GLY C 126 28.38 -13.71 -16.00
C GLY C 126 27.43 -12.59 -15.61
N LYS C 127 26.61 -12.82 -14.59
CA LYS C 127 25.64 -11.80 -14.18
C LYS C 127 25.83 -11.34 -12.75
N ASN C 128 25.25 -10.19 -12.42
CA ASN C 128 25.22 -9.69 -11.05
C ASN C 128 24.08 -10.31 -10.25
N VAL C 129 24.42 -11.11 -9.24
CA VAL C 129 23.39 -11.86 -8.54
C VAL C 129 23.07 -11.28 -7.17
N LEU C 130 21.79 -11.11 -6.92
CA LEU C 130 21.31 -10.72 -5.62
C LEU C 130 20.51 -11.89 -5.06
N ILE C 131 21.08 -12.61 -4.10
CA ILE C 131 20.35 -13.69 -3.45
C ILE C 131 19.50 -13.11 -2.33
N VAL C 132 18.24 -13.51 -2.28
CA VAL C 132 17.30 -12.97 -1.28
C VAL C 132 16.75 -14.07 -0.37
N GLU C 133 17.06 -13.93 0.90
CA GLU C 133 16.74 -14.97 1.87
C GLU C 133 15.87 -14.38 3.00
N ASP C 134 15.09 -15.24 3.65
CA ASP C 134 14.32 -14.83 4.81
C ASP C 134 15.17 -14.76 6.09
N ILE C 135 16.00 -15.77 6.30
CA ILE C 135 16.75 -15.82 7.56
C ILE C 135 18.08 -16.54 7.40
N ILE C 136 19.09 -16.09 8.15
CA ILE C 136 20.31 -16.85 8.31
C ILE C 136 20.41 -17.33 9.74
N ASP C 137 20.51 -18.64 9.95
CA ASP C 137 20.65 -19.20 11.28
C ASP C 137 22.03 -19.81 11.47
N THR C 138 22.17 -21.08 11.08
CA THR C 138 23.48 -21.74 11.17
C THR C 138 24.36 -21.27 10.03
N GLY C 139 23.72 -20.81 8.96
CA GLY C 139 24.46 -20.41 7.78
C GLY C 139 24.72 -21.54 6.81
N LYS C 140 24.24 -22.74 7.12
CA LYS C 140 24.53 -23.93 6.31
C LYS C 140 23.78 -23.91 4.98
N THR C 141 22.51 -23.53 5.02
CA THR C 141 21.71 -23.42 3.80
C THR C 141 22.40 -22.51 2.82
N MET C 142 22.97 -21.43 3.34
CA MET C 142 23.63 -20.42 2.50
C MET C 142 24.95 -20.93 1.96
N GLN C 143 25.56 -21.87 2.69
CA GLN C 143 26.80 -22.49 2.24
C GLN C 143 26.52 -23.39 1.07
N THR C 144 25.42 -24.11 1.16
CA THR C 144 24.98 -24.99 0.08
C THR C 144 24.60 -24.19 -1.18
N LEU C 145 23.96 -23.04 -0.99
CA LEU C 145 23.52 -22.23 -2.12
C LEU C 145 24.71 -21.64 -2.86
N LEU C 146 25.62 -21.01 -2.12
CA LEU C 146 26.80 -20.41 -2.73
C LEU C 146 27.62 -21.46 -3.51
N SER C 147 27.74 -22.67 -2.95
CA SER C 147 28.43 -23.76 -3.62
C SER C 147 27.85 -24.06 -5.00
N LEU C 148 26.52 -23.95 -5.12
CA LEU C 148 25.84 -24.21 -6.37
C LEU C 148 25.96 -23.03 -7.33
N VAL C 149 25.80 -21.82 -6.79
CA VAL C 149 25.99 -20.59 -7.56
C VAL C 149 27.40 -20.51 -8.16
N ARG C 150 28.40 -20.95 -7.39
CA ARG C 150 29.79 -20.94 -7.85
C ARG C 150 29.96 -21.72 -9.15
N GLN C 151 29.15 -22.76 -9.31
CA GLN C 151 29.19 -23.66 -10.46
C GLN C 151 28.72 -23.01 -11.77
N TYR C 152 28.09 -21.84 -11.67
CA TYR C 152 27.64 -21.11 -12.85
C TYR C 152 28.48 -19.88 -13.18
N ASN C 153 29.46 -19.57 -12.33
CA ASN C 153 30.36 -18.45 -12.57
C ASN C 153 29.66 -17.09 -12.81
N PRO C 154 29.07 -16.51 -11.76
CA PRO C 154 28.42 -15.21 -11.88
C PRO C 154 29.45 -14.09 -11.83
N LYS C 155 29.07 -12.89 -12.27
CA LYS C 155 29.98 -11.75 -12.28
C LYS C 155 30.15 -11.15 -10.88
N MET C 156 29.10 -11.25 -10.08
CA MET C 156 29.06 -10.65 -8.75
C MET C 156 27.95 -11.31 -7.92
N VAL C 157 28.21 -11.52 -6.64
CA VAL C 157 27.19 -12.07 -5.75
C VAL C 157 27.07 -11.28 -4.46
N LYS C 158 25.86 -10.80 -4.20
CA LYS C 158 25.50 -10.09 -2.99
C LYS C 158 24.32 -10.84 -2.38
N VAL C 159 24.16 -10.70 -1.08
CA VAL C 159 23.14 -11.46 -0.36
C VAL C 159 22.36 -10.53 0.56
N ALA C 160 21.04 -10.59 0.48
CA ALA C 160 20.18 -9.86 1.39
C ALA C 160 19.36 -10.84 2.21
N SER C 161 19.34 -10.66 3.52
CA SER C 161 18.53 -11.48 4.39
C SER C 161 17.71 -10.61 5.32
N LEU C 162 16.40 -10.85 5.35
CA LEU C 162 15.54 -10.13 6.27
C LEU C 162 16.03 -10.26 7.70
N LEU C 163 16.26 -11.49 8.15
CA LEU C 163 16.65 -11.76 9.53
C LEU C 163 18.01 -12.43 9.59
N VAL C 164 18.81 -12.04 10.58
CA VAL C 164 20.03 -12.77 10.90
C VAL C 164 19.99 -13.11 12.38
N LYS C 165 20.10 -14.40 12.69
CA LYS C 165 19.93 -14.84 14.07
C LYS C 165 21.26 -14.85 14.79
N ARG C 166 21.29 -14.27 15.99
CA ARG C 166 22.46 -14.34 16.86
C ARG C 166 22.56 -15.73 17.49
N THR C 167 23.37 -16.59 16.88
CA THR C 167 23.47 -17.94 17.36
C THR C 167 24.91 -18.43 17.38
N PRO C 168 25.33 -19.07 18.48
CA PRO C 168 26.68 -19.64 18.61
C PRO C 168 26.88 -20.82 17.65
N ARG C 169 25.77 -21.33 17.12
CA ARG C 169 25.78 -22.35 16.08
C ARG C 169 26.17 -21.78 14.71
N SER C 170 26.60 -20.52 14.68
CA SER C 170 26.94 -19.86 13.41
C SER C 170 28.39 -20.05 13.02
N VAL C 171 28.61 -20.25 11.72
CA VAL C 171 29.95 -20.39 11.17
C VAL C 171 30.58 -19.00 10.98
N GLY C 172 29.76 -17.97 11.09
CA GLY C 172 30.25 -16.60 11.05
C GLY C 172 29.92 -15.85 9.77
N TYR C 173 29.09 -16.45 8.93
CA TYR C 173 28.74 -15.85 7.66
C TYR C 173 27.75 -14.70 7.82
N LYS C 174 28.01 -13.56 7.19
CA LYS C 174 27.10 -12.41 7.27
C LYS C 174 26.74 -11.82 5.91
N PRO C 175 25.44 -11.56 5.71
CA PRO C 175 24.92 -11.04 4.44
C PRO C 175 25.33 -9.60 4.23
N ASP C 176 25.34 -9.18 2.97
CA ASP C 176 25.61 -7.81 2.62
C ASP C 176 24.52 -6.89 3.18
N PHE C 177 23.28 -7.31 3.04
CA PHE C 177 22.11 -6.54 3.48
C PHE C 177 21.34 -7.32 4.54
N VAL C 178 21.25 -6.74 5.75
CA VAL C 178 20.52 -7.38 6.84
C VAL C 178 19.36 -6.50 7.30
N GLY C 179 18.17 -7.07 7.38
CA GLY C 179 17.03 -6.34 7.91
C GLY C 179 17.12 -6.17 9.42
N PHE C 180 17.09 -7.29 10.14
CA PHE C 180 17.08 -7.29 11.58
C PHE C 180 18.01 -8.39 12.13
N GLU C 181 18.79 -8.06 13.15
CA GLU C 181 19.54 -9.05 13.89
C GLU C 181 18.73 -9.45 15.13
N ILE C 182 18.34 -10.72 15.20
CA ILE C 182 17.38 -11.17 16.19
C ILE C 182 18.03 -12.13 17.19
N PRO C 183 17.38 -12.31 18.36
CA PRO C 183 17.85 -13.28 19.35
C PRO C 183 17.75 -14.71 18.82
N ASP C 184 18.33 -15.65 19.57
CA ASP C 184 18.28 -17.06 19.22
C ASP C 184 16.95 -17.66 19.65
N LYS C 185 15.86 -17.18 19.04
CA LYS C 185 14.52 -17.69 19.30
C LYS C 185 13.89 -18.10 17.98
N PHE C 186 12.98 -19.06 18.03
CA PHE C 186 12.33 -19.49 16.81
C PHE C 186 11.13 -18.59 16.49
N VAL C 187 11.19 -17.92 15.35
CA VAL C 187 10.16 -16.97 14.94
C VAL C 187 9.41 -17.47 13.70
N VAL C 188 8.17 -16.99 13.55
CA VAL C 188 7.33 -17.37 12.39
C VAL C 188 6.67 -16.13 11.80
N GLY C 189 6.02 -16.31 10.66
CA GLY C 189 5.33 -15.18 10.05
C GLY C 189 6.16 -14.48 8.98
N TYR C 190 5.51 -13.58 8.24
CA TYR C 190 6.13 -12.95 7.09
C TYR C 190 6.76 -14.00 6.16
N ALA C 191 6.02 -15.09 5.94
CA ALA C 191 6.43 -16.24 5.10
C ALA C 191 7.27 -17.30 5.79
N LEU C 192 7.76 -17.00 6.99
CA LEU C 192 8.46 -17.99 7.82
C LEU C 192 7.49 -18.92 8.55
N ASP C 193 7.76 -20.21 8.48
CA ASP C 193 6.83 -21.25 8.91
C ASP C 193 7.26 -22.07 10.13
N TYR C 194 6.26 -22.71 10.72
CA TYR C 194 6.51 -23.83 11.62
C TYR C 194 5.71 -24.96 11.01
N ASN C 195 6.40 -25.92 10.40
CA ASN C 195 5.72 -27.05 9.76
C ASN C 195 4.67 -26.58 8.74
N GLU C 196 5.06 -25.59 7.93
CA GLU C 196 4.27 -25.01 6.85
C GLU C 196 3.14 -24.09 7.33
N TYR C 197 2.94 -24.01 8.64
CA TYR C 197 1.97 -23.06 9.17
C TYR C 197 2.58 -21.68 9.37
N PHE C 198 1.75 -20.67 9.55
CA PHE C 198 2.20 -19.31 9.86
C PHE C 198 2.82 -18.52 8.71
N ARG C 199 2.90 -19.10 7.51
CA ARG C 199 3.42 -18.31 6.40
C ARG C 199 2.40 -17.23 6.03
N ASP C 200 1.12 -17.55 6.20
CA ASP C 200 0.03 -16.64 5.90
C ASP C 200 -0.20 -15.63 7.02
N LEU C 201 0.87 -14.96 7.43
CA LEU C 201 0.84 -14.04 8.55
C LEU C 201 1.84 -12.92 8.26
N ASN C 202 1.44 -11.67 8.43
CA ASN C 202 2.28 -10.53 8.00
C ASN C 202 3.32 -10.15 9.02
N HIS C 203 2.98 -10.33 10.30
CA HIS C 203 3.91 -9.97 11.38
C HIS C 203 4.86 -11.13 11.67
N VAL C 204 6.09 -10.81 12.05
CA VAL C 204 6.97 -11.83 12.58
C VAL C 204 6.64 -12.02 14.05
N CYS C 205 6.39 -13.26 14.45
CA CYS C 205 5.92 -13.53 15.81
C CYS C 205 6.56 -14.76 16.42
N VAL C 206 6.23 -15.00 17.68
CA VAL C 206 6.71 -16.16 18.41
C VAL C 206 5.52 -17.04 18.75
N ILE C 207 5.68 -18.34 18.58
CA ILE C 207 4.56 -19.27 18.71
C ILE C 207 4.24 -19.63 20.17
N SER C 208 2.95 -19.73 20.50
CA SER C 208 2.54 -20.05 21.86
C SER C 208 2.65 -21.55 22.14
N GLU C 209 2.38 -21.93 23.38
CA GLU C 209 2.42 -23.34 23.76
C GLU C 209 1.38 -24.15 23.00
N THR C 210 0.13 -23.68 23.05
CA THR C 210 -0.96 -24.22 22.24
C THR C 210 -0.58 -24.35 20.77
N GLY C 211 0.14 -23.36 20.25
CA GLY C 211 0.52 -23.34 18.84
C GLY C 211 1.44 -24.50 18.53
N LYS C 212 2.48 -24.66 19.34
CA LYS C 212 3.47 -25.71 19.12
C LYS C 212 2.79 -27.07 19.07
N ALA C 213 1.90 -27.32 20.02
CA ALA C 213 1.28 -28.62 20.12
C ALA C 213 0.27 -28.85 19.00
N LYS C 214 -0.44 -27.79 18.63
CA LYS C 214 -1.52 -27.91 17.67
C LYS C 214 -0.96 -28.22 16.30
N TYR C 215 0.17 -27.61 15.99
CA TYR C 215 0.74 -27.60 14.65
C TYR C 215 1.98 -28.47 14.52
N LYS C 216 2.34 -29.16 15.60
CA LYS C 216 3.50 -30.04 15.60
C LYS C 216 3.36 -31.09 14.50
N ALA C 217 4.48 -31.54 13.95
CA ALA C 217 4.45 -32.60 12.96
C ALA C 217 4.44 -33.96 13.66
N SER D 4 -7.93 0.21 26.45
CA SER D 4 -6.50 0.03 26.19
C SER D 4 -5.71 1.32 26.31
N PRO D 5 -4.53 1.26 26.95
CA PRO D 5 -3.64 2.42 27.01
C PRO D 5 -2.83 2.55 25.72
N GLY D 6 -3.11 1.68 24.74
CA GLY D 6 -2.39 1.66 23.49
C GLY D 6 -1.03 1.02 23.61
N VAL D 7 -0.21 1.13 22.57
CA VAL D 7 1.16 0.65 22.63
C VAL D 7 1.99 1.55 23.53
N VAL D 8 2.47 1.00 24.64
CA VAL D 8 3.20 1.81 25.61
C VAL D 8 4.67 1.99 25.25
N ILE D 9 5.04 3.24 24.98
CA ILE D 9 6.43 3.56 24.72
C ILE D 9 7.07 4.15 25.98
N SER D 10 8.06 3.43 26.51
CA SER D 10 8.65 3.75 27.80
C SER D 10 9.41 5.07 27.80
N ASP D 11 9.64 5.63 28.99
CA ASP D 11 10.44 6.84 29.12
C ASP D 11 11.87 6.64 28.61
N ASP D 12 12.40 5.44 28.81
CA ASP D 12 13.78 5.15 28.43
C ASP D 12 13.93 4.63 27.01
N GLU D 13 12.85 4.65 26.24
CA GLU D 13 12.88 4.24 24.84
C GLU D 13 13.84 5.11 24.03
N PRO D 14 14.91 4.52 23.51
CA PRO D 14 15.97 5.23 22.80
C PRO D 14 15.60 5.53 21.36
N GLY D 15 14.66 4.77 20.79
CA GLY D 15 14.27 4.96 19.41
C GLY D 15 15.35 4.41 18.49
N TYR D 16 15.28 4.78 17.21
CA TYR D 16 16.19 4.21 16.22
C TYR D 16 17.12 5.22 15.60
N ASP D 17 18.34 4.77 15.34
CA ASP D 17 19.32 5.45 14.51
C ASP D 17 18.70 5.82 13.18
N LEU D 18 18.88 7.07 12.75
CA LEU D 18 18.31 7.56 11.48
C LEU D 18 18.75 6.75 10.26
N ASP D 19 19.97 6.24 10.28
CA ASP D 19 20.52 5.50 9.16
C ASP D 19 19.90 4.11 8.95
N LEU D 20 18.96 3.74 9.80
CA LEU D 20 18.33 2.42 9.67
C LEU D 20 17.07 2.54 8.85
N PHE D 21 16.66 3.78 8.57
CA PHE D 21 15.43 4.05 7.86
C PHE D 21 15.63 5.05 6.75
N CYS D 22 14.64 5.15 5.87
CA CYS D 22 14.64 6.18 4.86
C CYS D 22 13.96 7.46 5.40
N ILE D 23 14.74 8.53 5.40
CA ILE D 23 14.42 9.81 6.04
C ILE D 23 14.44 10.91 4.95
N PRO D 24 13.58 11.95 5.07
CA PRO D 24 13.68 13.01 4.05
C PRO D 24 15.06 13.64 4.06
N ASN D 25 15.69 13.68 2.88
CA ASN D 25 17.01 14.28 2.73
C ASN D 25 17.17 15.63 3.46
N HIS D 26 16.15 16.49 3.39
CA HIS D 26 16.29 17.86 3.93
C HIS D 26 16.21 17.93 5.45
N TYR D 27 15.88 16.83 6.09
CA TYR D 27 15.79 16.78 7.55
C TYR D 27 16.92 15.94 8.13
N ALA D 28 17.94 15.67 7.30
CA ALA D 28 19.07 14.82 7.69
C ALA D 28 19.78 15.24 9.00
N GLU D 29 20.06 16.52 9.19
CA GLU D 29 20.70 16.96 10.43
C GLU D 29 19.74 17.45 11.50
N ASP D 30 18.45 17.53 11.15
CA ASP D 30 17.46 18.16 12.03
C ASP D 30 16.76 17.20 12.98
N LEU D 31 17.00 15.91 12.77
CA LEU D 31 16.38 14.88 13.60
C LEU D 31 17.46 14.15 14.38
N GLU D 32 17.07 13.51 15.48
CA GLU D 32 18.02 12.74 16.26
C GLU D 32 17.78 11.25 16.16
N ARG D 33 16.53 10.84 16.35
CA ARG D 33 16.18 9.43 16.35
C ARG D 33 14.83 9.28 15.70
N VAL D 34 14.58 8.13 15.07
CA VAL D 34 13.23 7.76 14.74
C VAL D 34 12.62 7.27 16.02
N PHE D 35 11.44 7.78 16.36
CA PHE D 35 10.83 7.43 17.63
C PHE D 35 9.76 6.37 17.46
N ILE D 36 8.88 6.59 16.49
CA ILE D 36 7.89 5.58 16.15
C ILE D 36 7.89 5.45 14.63
N PRO D 37 8.35 4.30 14.13
CA PRO D 37 8.35 4.07 12.68
C PRO D 37 6.95 4.14 12.08
N HIS D 38 6.89 4.72 10.88
CA HIS D 38 5.64 4.86 10.14
C HIS D 38 4.90 3.54 10.01
N GLY D 39 5.62 2.47 9.74
CA GLY D 39 5.03 1.15 9.62
C GLY D 39 4.29 0.71 10.87
N LEU D 40 4.87 0.99 12.04
CA LEU D 40 4.23 0.70 13.33
C LEU D 40 2.90 1.47 13.51
N ILE D 41 2.97 2.77 13.23
CA ILE D 41 1.78 3.62 13.20
C ILE D 41 0.69 3.01 12.32
N MET D 42 1.04 2.61 11.10
CA MET D 42 0.07 1.92 10.23
C MET D 42 -0.51 0.66 10.87
N ASP D 43 0.34 -0.15 11.50
CA ASP D 43 -0.13 -1.42 12.06
C ASP D 43 -1.13 -1.15 13.19
N ARG D 44 -0.74 -0.25 14.09
CA ARG D 44 -1.61 0.16 15.19
C ARG D 44 -2.92 0.82 14.72
N THR D 45 -2.83 1.69 13.73
CA THR D 45 -4.01 2.32 13.18
C THR D 45 -5.00 1.30 12.58
N GLU D 46 -4.46 0.26 11.93
CA GLU D 46 -5.30 -0.79 11.39
C GLU D 46 -6.13 -1.45 12.50
N ARG D 47 -5.47 -1.76 13.61
CA ARG D 47 -6.19 -2.30 14.77
C ARG D 47 -7.22 -1.30 15.33
N LEU D 48 -6.80 -0.05 15.50
CA LEU D 48 -7.69 0.99 16.02
C LEU D 48 -8.98 1.07 15.18
N ALA D 49 -8.81 0.96 13.87
CA ALA D 49 -9.93 1.00 12.95
C ALA D 49 -10.96 -0.06 13.31
N ARG D 50 -10.48 -1.27 13.63
CA ARG D 50 -11.40 -2.35 13.96
C ARG D 50 -12.06 -2.09 15.30
N ASP D 51 -11.31 -1.47 16.22
CA ASP D 51 -11.87 -1.09 17.52
C ASP D 51 -12.96 -0.01 17.37
N VAL D 52 -12.69 1.00 16.54
CA VAL D 52 -13.72 2.00 16.26
C VAL D 52 -14.99 1.36 15.70
N MET D 53 -14.86 0.49 14.71
CA MET D 53 -16.02 -0.17 14.11
C MET D 53 -16.77 -1.07 15.07
N LYS D 54 -16.05 -1.72 15.97
CA LYS D 54 -16.72 -2.56 16.98
C LYS D 54 -17.63 -1.73 17.88
N GLU D 55 -17.24 -0.50 18.16
CA GLU D 55 -18.02 0.36 19.07
C GLU D 55 -19.01 1.28 18.36
N MET D 56 -18.59 1.86 17.24
CA MET D 56 -19.38 2.92 16.61
C MET D 56 -20.07 2.50 15.32
N GLY D 57 -19.77 1.31 14.83
CA GLY D 57 -20.23 0.86 13.53
C GLY D 57 -21.70 0.52 13.44
N GLY D 58 -22.43 0.71 14.53
CA GLY D 58 -23.85 0.41 14.57
C GLY D 58 -24.71 1.49 13.93
N HIS D 59 -24.20 2.72 13.89
CA HIS D 59 -24.98 3.86 13.38
C HIS D 59 -24.07 4.83 12.62
N HIS D 60 -24.68 5.64 11.75
CA HIS D 60 -23.98 6.64 10.92
C HIS D 60 -22.91 7.38 11.70
N ILE D 61 -21.68 7.33 11.19
CA ILE D 61 -20.55 8.00 11.84
C ILE D 61 -20.16 9.32 11.17
N VAL D 62 -20.01 10.35 11.99
CA VAL D 62 -19.40 11.59 11.53
C VAL D 62 -17.97 11.64 12.07
N ALA D 63 -17.01 11.54 11.17
CA ALA D 63 -15.59 11.64 11.52
C ALA D 63 -15.11 13.09 11.45
N LEU D 64 -14.67 13.62 12.58
CA LEU D 64 -14.22 15.00 12.68
C LEU D 64 -12.67 15.09 12.75
N CYS D 65 -12.06 15.72 11.76
CA CYS D 65 -10.60 15.82 11.75
C CYS D 65 -10.15 17.10 12.45
N VAL D 66 -9.26 16.97 13.43
CA VAL D 66 -8.65 18.16 14.03
C VAL D 66 -7.35 18.57 13.31
N LEU D 67 -7.48 19.56 12.43
CA LEU D 67 -6.37 20.19 11.70
C LEU D 67 -5.44 20.94 12.69
N LYS D 68 -4.16 21.07 12.35
CA LYS D 68 -3.56 20.48 11.15
C LYS D 68 -2.99 19.10 11.41
N GLY D 69 -2.41 18.90 12.59
CA GLY D 69 -1.65 17.69 12.88
C GLY D 69 -2.42 16.39 12.79
N GLY D 70 -3.73 16.45 12.92
CA GLY D 70 -4.54 15.26 12.84
C GLY D 70 -4.74 14.72 11.43
N TYR D 71 -4.30 15.46 10.41
CA TYR D 71 -4.73 15.13 9.03
C TYR D 71 -4.25 13.77 8.55
N LYS D 72 -3.00 13.40 8.86
CA LYS D 72 -2.44 12.11 8.42
C LYS D 72 -3.12 10.93 9.09
N PHE D 73 -3.20 10.98 10.42
CA PHE D 73 -3.88 9.95 11.21
C PHE D 73 -5.33 9.77 10.73
N PHE D 74 -6.02 10.89 10.54
CA PHE D 74 -7.40 10.91 10.06
C PHE D 74 -7.55 10.16 8.73
N ALA D 75 -6.66 10.46 7.79
CA ALA D 75 -6.77 9.92 6.44
C ALA D 75 -6.55 8.41 6.45
N ASP D 76 -5.53 8.00 7.19
CA ASP D 76 -5.18 6.59 7.30
C ASP D 76 -6.21 5.82 8.09
N LEU D 77 -6.66 6.37 9.21
CA LEU D 77 -7.70 5.71 10.00
C LEU D 77 -8.98 5.48 9.18
N LEU D 78 -9.40 6.49 8.41
CA LEU D 78 -10.64 6.34 7.65
C LEU D 78 -10.48 5.35 6.51
N ASP D 79 -9.29 5.27 5.94
CA ASP D 79 -9.04 4.32 4.87
C ASP D 79 -9.15 2.89 5.42
N TYR D 80 -8.55 2.64 6.58
CA TYR D 80 -8.77 1.34 7.24
C TYR D 80 -10.25 1.11 7.57
N ILE D 81 -10.94 2.14 8.02
CA ILE D 81 -12.38 1.99 8.28
C ILE D 81 -13.16 1.70 6.98
N LYS D 82 -12.81 2.42 5.92
CA LYS D 82 -13.44 2.18 4.62
C LYS D 82 -13.17 0.73 4.15
N ALA D 83 -11.94 0.26 4.34
CA ALA D 83 -11.60 -1.14 4.02
C ALA D 83 -12.49 -2.14 4.76
N LEU D 84 -12.70 -1.91 6.06
CA LEU D 84 -13.62 -2.76 6.82
C LEU D 84 -15.01 -2.69 6.20
N ASN D 85 -15.43 -1.47 5.84
CA ASN D 85 -16.80 -1.28 5.38
C ASN D 85 -17.09 -1.85 3.99
N ARG D 86 -16.04 -2.18 3.22
CA ARG D 86 -16.27 -2.69 1.88
C ARG D 86 -15.90 -4.16 1.72
N ASN D 87 -15.63 -4.86 2.82
CA ASN D 87 -15.25 -6.26 2.71
C ASN D 87 -16.05 -7.17 3.62
N SER D 88 -17.00 -6.57 4.32
CA SER D 88 -18.00 -7.33 5.06
C SER D 88 -19.36 -6.77 4.69
N ASP D 89 -20.31 -7.65 4.40
CA ASP D 89 -21.63 -7.25 3.89
C ASP D 89 -22.41 -6.32 4.83
N ARG D 90 -21.87 -6.05 6.01
CA ARG D 90 -22.47 -5.09 6.92
C ARG D 90 -21.63 -3.81 6.95
N SER D 91 -22.30 -2.67 6.76
CA SER D 91 -21.61 -1.39 6.74
C SER D 91 -22.55 -0.24 7.04
N ILE D 92 -21.98 0.90 7.39
CA ILE D 92 -22.76 2.11 7.64
C ILE D 92 -22.09 3.29 6.96
N PRO D 93 -22.90 4.24 6.46
CA PRO D 93 -22.32 5.43 5.84
C PRO D 93 -21.49 6.24 6.83
N MET D 94 -20.52 6.95 6.30
CA MET D 94 -19.67 7.80 7.10
C MET D 94 -19.46 9.12 6.38
N THR D 95 -19.60 10.22 7.12
CA THR D 95 -19.37 11.55 6.57
C THR D 95 -18.21 12.15 7.35
N VAL D 96 -17.61 13.20 6.79
CA VAL D 96 -16.45 13.82 7.42
C VAL D 96 -16.57 15.34 7.56
N ASP D 97 -15.89 15.89 8.55
CA ASP D 97 -15.75 17.35 8.65
C ASP D 97 -14.35 17.67 9.17
N PHE D 98 -13.98 18.95 9.09
CA PHE D 98 -12.66 19.38 9.51
C PHE D 98 -12.76 20.63 10.39
N ILE D 99 -12.02 20.62 11.51
CA ILE D 99 -11.96 21.78 12.40
C ILE D 99 -10.54 22.12 12.84
N ARG D 100 -10.34 23.36 13.27
CA ARG D 100 -9.08 23.81 13.86
C ARG D 100 -9.43 24.26 15.27
N LEU D 101 -8.56 23.98 16.23
CA LEU D 101 -8.82 24.41 17.60
C LEU D 101 -8.10 25.71 17.94
N LYS D 102 -8.88 26.73 18.25
CA LYS D 102 -8.34 28.02 18.66
C LYS D 102 -8.24 28.13 20.19
N VAL D 115 -13.32 26.96 18.41
CA VAL D 115 -13.43 26.00 17.31
C VAL D 115 -13.59 26.72 15.97
N ILE D 116 -12.70 26.39 15.04
CA ILE D 116 -12.67 27.08 13.75
C ILE D 116 -13.13 26.23 12.56
N GLY D 117 -14.33 26.54 12.07
CA GLY D 117 -14.71 26.25 10.71
C GLY D 117 -15.13 24.86 10.23
N GLY D 118 -15.99 24.19 10.98
CA GLY D 118 -16.59 22.97 10.48
C GLY D 118 -17.96 23.31 9.94
N ASP D 119 -18.78 22.29 9.72
CA ASP D 119 -20.18 22.52 9.39
C ASP D 119 -20.88 22.95 10.66
N ASP D 120 -22.16 23.29 10.57
CA ASP D 120 -22.93 23.60 11.77
C ASP D 120 -22.88 22.38 12.67
N LEU D 121 -22.79 22.62 13.98
CA LEU D 121 -22.65 21.54 14.94
C LEU D 121 -23.93 20.71 15.07
N SER D 122 -25.01 21.20 14.48
CA SER D 122 -26.30 20.51 14.48
C SER D 122 -26.31 19.32 13.51
N THR D 123 -25.26 19.19 12.71
CA THR D 123 -25.07 18.04 11.83
C THR D 123 -24.60 16.84 12.66
N LEU D 124 -24.23 17.11 13.91
CA LEU D 124 -23.72 16.09 14.80
C LEU D 124 -24.82 15.43 15.63
N THR D 125 -26.00 16.03 15.61
CA THR D 125 -27.13 15.52 16.40
C THR D 125 -27.67 14.20 15.87
N GLY D 126 -27.74 13.21 16.74
CA GLY D 126 -28.29 11.92 16.39
C GLY D 126 -27.26 11.00 15.75
N LYS D 127 -26.04 11.51 15.58
CA LYS D 127 -24.98 10.75 14.94
C LYS D 127 -23.98 10.19 15.93
N ASN D 128 -23.20 9.20 15.48
CA ASN D 128 -22.00 8.78 16.19
C ASN D 128 -20.81 9.63 15.75
N VAL D 129 -20.38 10.51 16.64
CA VAL D 129 -19.31 11.45 16.33
C VAL D 129 -17.95 10.93 16.80
N LEU D 130 -17.01 10.87 15.87
CA LEU D 130 -15.66 10.40 16.12
C LEU D 130 -14.72 11.58 15.92
N ILE D 131 -14.10 12.02 17.00
CA ILE D 131 -13.13 13.11 16.94
C ILE D 131 -11.75 12.51 16.79
N VAL D 132 -11.02 12.95 15.76
CA VAL D 132 -9.70 12.40 15.46
C VAL D 132 -8.60 13.43 15.72
N GLU D 133 -7.69 13.09 16.62
CA GLU D 133 -6.69 14.03 17.08
C GLU D 133 -5.30 13.42 16.88
N ASP D 134 -4.28 14.26 16.74
CA ASP D 134 -2.90 13.77 16.64
C ASP D 134 -2.32 13.36 17.99
N ILE D 135 -2.51 14.22 19.00
CA ILE D 135 -1.92 13.99 20.31
C ILE D 135 -2.74 14.60 21.44
N ILE D 136 -2.84 13.88 22.56
CA ILE D 136 -3.41 14.41 23.78
C ILE D 136 -2.28 14.61 24.79
N ASP D 137 -2.08 15.84 25.25
CA ASP D 137 -1.07 16.14 26.25
C ASP D 137 -1.74 16.37 27.60
N THR D 138 -2.03 17.63 27.92
CA THR D 138 -2.76 17.93 29.14
C THR D 138 -4.18 17.41 29.00
N GLY D 139 -4.78 17.66 27.84
CA GLY D 139 -6.11 17.16 27.55
C GLY D 139 -7.16 18.23 27.72
N LYS D 140 -6.71 19.46 27.93
CA LYS D 140 -7.62 20.58 28.18
C LYS D 140 -8.42 20.90 26.93
N THR D 141 -7.73 20.88 25.79
CA THR D 141 -8.34 21.14 24.50
C THR D 141 -9.53 20.23 24.25
N MET D 142 -9.30 18.93 24.34
CA MET D 142 -10.34 17.95 24.10
C MET D 142 -11.51 18.08 25.09
N GLN D 143 -11.18 18.30 26.36
CA GLN D 143 -12.21 18.48 27.39
C GLN D 143 -13.14 19.65 27.06
N THR D 144 -12.58 20.74 26.54
CA THR D 144 -13.38 21.87 26.10
C THR D 144 -14.26 21.50 24.93
N LEU D 145 -13.66 20.96 23.89
CA LEU D 145 -14.39 20.53 22.70
C LEU D 145 -15.51 19.55 23.06
N LEU D 146 -15.19 18.56 23.88
CA LEU D 146 -16.17 17.58 24.32
C LEU D 146 -17.34 18.20 25.09
N SER D 147 -17.00 19.08 26.03
CA SER D 147 -18.01 19.82 26.80
C SER D 147 -18.65 20.92 25.96
N LEU D 148 -18.64 20.72 24.65
CA LEU D 148 -19.26 21.64 23.72
C LEU D 148 -20.02 20.86 22.67
N VAL D 149 -19.34 19.89 22.06
CA VAL D 149 -19.91 19.05 21.02
C VAL D 149 -21.24 18.48 21.45
N ARG D 150 -21.36 18.14 22.72
CA ARG D 150 -22.61 17.59 23.24
C ARG D 150 -23.84 18.46 22.93
N ASN D 153 -26.28 17.06 21.91
CA ASN D 153 -27.01 15.81 21.89
C ASN D 153 -26.70 14.92 20.67
N PRO D 154 -25.43 14.53 20.50
CA PRO D 154 -25.13 13.51 19.49
C PRO D 154 -25.53 12.17 20.07
N LYS D 155 -25.74 11.16 19.23
CA LYS D 155 -26.10 9.85 19.73
C LYS D 155 -24.94 9.28 20.56
N MET D 156 -23.72 9.76 20.26
CA MET D 156 -22.50 9.21 20.84
C MET D 156 -21.29 10.03 20.40
N VAL D 157 -20.38 10.30 21.33
CA VAL D 157 -19.10 10.95 20.97
C VAL D 157 -17.91 10.16 21.51
N LYS D 158 -16.98 9.86 20.63
CA LYS D 158 -15.77 9.16 21.01
C LYS D 158 -14.57 9.87 20.40
N VAL D 159 -13.41 9.69 21.02
CA VAL D 159 -12.20 10.37 20.59
C VAL D 159 -11.06 9.38 20.33
N ALA D 160 -10.49 9.47 19.13
CA ALA D 160 -9.30 8.73 18.77
C ALA D 160 -8.11 9.67 18.68
N SER D 161 -7.04 9.34 19.38
CA SER D 161 -5.80 10.09 19.30
C SER D 161 -4.65 9.14 19.05
N LEU D 162 -3.81 9.47 18.06
CA LEU D 162 -2.63 8.66 17.79
C LEU D 162 -1.71 8.57 19.01
N LEU D 163 -1.51 9.69 19.69
CA LEU D 163 -0.55 9.73 20.80
C LEU D 163 -1.19 10.28 22.04
N VAL D 164 -0.82 9.72 23.18
CA VAL D 164 -1.22 10.26 24.46
C VAL D 164 0.01 10.34 25.35
N LYS D 165 0.28 11.53 25.87
CA LYS D 165 1.43 11.74 26.76
C LYS D 165 1.15 11.40 28.20
N ARG D 166 2.16 10.84 28.85
CA ARG D 166 2.18 10.74 30.30
C ARG D 166 2.81 12.01 30.83
N ARG D 169 1.75 16.15 33.04
CA ARG D 169 0.98 16.96 33.97
C ARG D 169 -0.51 16.97 33.60
N SER D 170 -1.03 15.79 33.28
CA SER D 170 -2.38 15.65 32.73
C SER D 170 -3.48 16.11 33.68
N VAL D 171 -4.60 16.51 33.09
CA VAL D 171 -5.80 16.84 33.85
C VAL D 171 -6.74 15.64 33.86
N GLY D 172 -6.20 14.48 33.51
CA GLY D 172 -6.91 13.23 33.68
C GLY D 172 -7.84 12.83 32.55
N TYR D 173 -7.76 13.49 31.40
CA TYR D 173 -8.57 13.06 30.28
C TYR D 173 -7.87 11.95 29.50
N LYS D 174 -8.63 10.91 29.18
CA LYS D 174 -8.13 9.82 28.34
C LYS D 174 -9.08 9.63 27.16
N PRO D 175 -8.52 9.53 25.94
CA PRO D 175 -9.38 9.29 24.77
C PRO D 175 -9.91 7.86 24.77
N ASP D 176 -10.91 7.59 23.93
CA ASP D 176 -11.51 6.26 23.88
C ASP D 176 -10.62 5.31 23.12
N PHE D 177 -9.91 5.83 22.13
CA PHE D 177 -8.99 5.02 21.34
C PHE D 177 -7.62 5.68 21.31
N VAL D 178 -6.60 4.97 21.77
CA VAL D 178 -5.25 5.50 21.79
C VAL D 178 -4.30 4.68 20.93
N GLY D 179 -3.59 5.35 20.03
CA GLY D 179 -2.55 4.70 19.27
C GLY D 179 -1.36 4.31 20.12
N PHE D 180 -0.65 5.32 20.66
CA PHE D 180 0.56 5.09 21.44
C PHE D 180 0.59 5.96 22.71
N GLU D 181 1.03 5.39 23.83
CA GLU D 181 1.21 6.18 25.05
C GLU D 181 2.69 6.52 25.19
N ILE D 182 3.02 7.81 25.09
CA ILE D 182 4.40 8.26 24.94
C ILE D 182 4.93 9.04 26.16
N PRO D 183 6.27 9.15 26.27
CA PRO D 183 6.85 9.94 27.36
C PRO D 183 6.59 11.43 27.17
N ASP D 184 6.79 12.21 28.23
CA ASP D 184 6.72 13.66 28.17
C ASP D 184 7.90 14.20 27.37
N LYS D 185 7.94 13.87 26.08
CA LYS D 185 8.96 14.33 25.16
C LYS D 185 8.29 15.10 24.03
N PHE D 186 8.99 16.09 23.46
CA PHE D 186 8.45 16.79 22.29
C PHE D 186 8.73 16.03 20.99
N VAL D 187 7.67 15.62 20.29
CA VAL D 187 7.83 14.85 19.05
C VAL D 187 7.25 15.53 17.82
N VAL D 188 7.84 15.23 16.67
CA VAL D 188 7.36 15.74 15.38
C VAL D 188 7.16 14.59 14.41
N GLY D 189 6.50 14.87 13.28
CA GLY D 189 6.40 13.89 12.22
C GLY D 189 5.03 13.27 12.20
N TYR D 190 4.72 12.56 11.13
CA TYR D 190 3.38 12.05 10.86
C TYR D 190 2.36 13.18 11.03
N ALA D 191 2.75 14.35 10.48
CA ALA D 191 1.95 15.58 10.43
C ALA D 191 2.03 16.45 11.68
N LEU D 192 2.69 15.96 12.74
CA LEU D 192 2.94 16.80 13.91
C LEU D 192 4.12 17.73 13.63
N ASP D 193 4.01 18.99 14.06
CA ASP D 193 4.97 19.99 13.62
C ASP D 193 5.79 20.61 14.75
N TYR D 194 6.91 21.21 14.35
CA TYR D 194 7.63 22.19 15.15
C TYR D 194 7.66 23.45 14.28
N ASN D 195 6.86 24.45 14.66
CA ASN D 195 6.74 25.71 13.92
C ASN D 195 6.40 25.50 12.45
N GLU D 196 5.44 24.59 12.23
CA GLU D 196 4.94 24.22 10.90
C GLU D 196 5.85 23.27 10.12
N TYR D 197 7.07 23.06 10.60
CA TYR D 197 8.00 22.12 9.96
C TYR D 197 7.82 20.71 10.48
N PHE D 198 8.28 19.74 9.70
CA PHE D 198 8.26 18.31 10.03
C PHE D 198 6.94 17.58 9.79
N ARG D 199 5.91 18.29 9.32
CA ARG D 199 4.66 17.61 8.97
C ARG D 199 4.86 16.69 7.76
N ASP D 200 5.75 17.08 6.86
CA ASP D 200 6.08 16.25 5.68
C ASP D 200 7.10 15.18 6.04
N LEU D 201 6.81 14.43 7.10
CA LEU D 201 7.71 13.38 7.56
C LEU D 201 6.82 12.21 8.02
N ASN D 202 7.11 11.02 7.51
CA ASN D 202 6.30 9.83 7.74
C ASN D 202 6.47 9.18 9.12
N HIS D 203 7.64 9.32 9.72
CA HIS D 203 7.92 8.77 11.05
C HIS D 203 7.67 9.79 12.16
N VAL D 204 7.32 9.32 13.35
CA VAL D 204 7.37 10.18 14.52
C VAL D 204 8.82 10.15 14.96
N CYS D 205 9.40 11.34 15.14
CA CYS D 205 10.81 11.46 15.47
C CYS D 205 11.02 12.54 16.49
N VAL D 206 12.27 12.65 16.95
CA VAL D 206 12.68 13.67 17.88
C VAL D 206 13.66 14.61 17.18
N ILE D 207 13.52 15.90 17.44
CA ILE D 207 14.35 16.92 16.81
C ILE D 207 15.75 16.91 17.39
N SER D 208 16.74 17.26 16.57
CA SER D 208 18.09 17.47 17.08
C SER D 208 18.26 18.94 17.46
N GLU D 209 19.29 19.22 18.25
CA GLU D 209 19.63 20.59 18.64
C GLU D 209 19.80 21.49 17.43
N THR D 210 20.49 20.98 16.42
CA THR D 210 20.61 21.66 15.15
C THR D 210 19.22 22.01 14.62
N GLY D 211 18.37 20.99 14.52
CA GLY D 211 17.01 21.17 14.04
C GLY D 211 16.21 22.20 14.83
N LYS D 212 16.25 22.09 16.15
CA LYS D 212 15.48 22.98 17.02
C LYS D 212 15.85 24.46 16.86
N ALA D 213 17.13 24.72 16.61
CA ALA D 213 17.59 26.10 16.48
C ALA D 213 17.52 26.59 15.04
N LYS D 214 17.46 25.68 14.08
CA LYS D 214 17.36 26.07 12.69
C LYS D 214 15.93 26.50 12.35
N TYR D 215 14.97 25.83 12.96
CA TYR D 215 13.57 26.16 12.70
C TYR D 215 12.94 26.91 13.87
N LYS D 216 13.79 27.41 14.76
CA LYS D 216 13.32 28.12 15.95
C LYS D 216 12.41 29.27 15.58
N ALA D 217 11.40 29.51 16.43
CA ALA D 217 10.43 30.57 16.22
C ALA D 217 11.08 31.95 16.26
OAG 3L4 E . 7.87 -18.45 -16.09
PBB 3L4 E . 6.74 -17.96 -17.03
OAH 3L4 E . 7.22 -16.83 -17.98
OAD 3L4 E . 5.60 -17.51 -16.20
CAP 3L4 E . 6.29 -19.43 -18.07
OAT 3L4 E . 4.94 -19.63 -18.24
CAJ 3L4 E . 4.44 -19.42 -19.48
CAK 3L4 E . 3.21 -20.19 -19.97
NAY 3L4 E . 2.93 -19.68 -21.25
CAM 3L4 E . 1.69 -20.20 -21.97
CAO 3L4 E . 0.32 -20.16 -21.43
PBA 3L4 E . -0.81 -21.23 -22.35
OAE 3L4 E . -0.42 -22.74 -22.15
OAF 3L4 E . -2.29 -21.10 -21.89
OAC 3L4 E . -0.68 -20.89 -23.82
CAL 3L4 E . 2.97 -18.16 -21.15
CAN 3L4 E . 3.24 -17.46 -22.48
N9 3L4 E . 2.31 -16.49 -22.92
C4 3L4 E . 2.44 -15.15 -22.61
N3 3L4 E . 3.39 -14.46 -21.89
C2 3L4 E . 3.30 -13.15 -21.73
N2 3L4 E . 4.31 -12.48 -20.96
N1 3L4 E . 2.28 -12.47 -22.30
C6 3L4 E . 1.31 -13.06 -23.02
O6 3L4 E . 0.30 -12.27 -23.57
C5 3L4 E . 1.41 -14.49 -23.20
N7 3L4 E . 0.65 -15.48 -23.86
C8 3L4 E . 1.21 -16.68 -23.68
MG MG F . 7.10 -16.45 -20.11
MG MG G . 1.86 -18.60 -16.14
OAG 3L4 H . -16.34 20.53 0.43
PBB 3L4 H . -16.37 20.39 -1.11
OAH 3L4 H . -17.56 19.48 -1.49
OAD 3L4 H . -15.10 19.83 -1.60
CAP 3L4 H . -16.49 22.06 -1.92
OAT 3L4 H . -17.39 22.19 -2.97
CAJ 3L4 H . -17.06 21.87 -4.27
CAK 3L4 H . -16.91 22.99 -5.31
NAY 3L4 H . -17.71 22.85 -6.48
CAM 3L4 H . -17.45 23.90 -7.53
CAO 3L4 H . -16.57 23.61 -8.70
PBA 3L4 H . -16.55 24.90 -9.98
OAE 3L4 H . -16.47 26.28 -9.26
OAF 3L4 H . -17.81 24.76 -10.83
OAC 3L4 H . -15.34 24.84 -10.94
CAL 3L4 H . -17.65 21.43 -7.05
CAN 3L4 H . -18.94 21.06 -7.84
N9 3L4 H . -18.93 20.03 -8.80
C4 3L4 H . -18.93 18.67 -8.51
N3 3L4 H . -18.93 17.94 -7.32
C2 3L4 H . -18.92 16.61 -7.38
N2 3L4 H . -18.92 15.85 -6.15
N1 3L4 H . -18.94 15.96 -8.54
C6 3L4 H . -18.93 16.59 -9.72
O6 3L4 H . -18.95 15.90 -10.92
C5 3L4 H . -18.93 18.03 -9.71
N7 3L4 H . -18.94 19.00 -10.71
C8 3L4 H . -18.94 20.19 -10.13
MG MG I . -19.43 19.12 -2.73
MG MG J . -12.94 21.28 -4.81
OAG 3L4 K . 11.90 -21.22 3.69
PBB 3L4 K . 11.65 -22.74 3.86
OAH 3L4 K . 10.93 -23.36 2.62
OAD 3L4 K . 10.85 -22.96 5.07
CAP 3L4 K . 13.27 -23.61 4.10
OAT 3L4 K . 14.04 -23.26 5.20
CAJ 3L4 K . 15.40 -23.47 5.06
CAK 3L4 K . 16.38 -22.76 6.01
NAY 3L4 K . 16.39 -23.19 7.36
CAM 3L4 K . 17.77 -23.16 7.98
CAO 3L4 K . 18.56 -21.90 8.01
PBA 3L4 K . 20.37 -22.08 8.29
OAE 3L4 K . 21.12 -20.71 8.18
OAF 3L4 K . 20.59 -22.65 9.71
OAC 3L4 K . 20.93 -22.98 7.21
CAL 3L4 K . 15.44 -22.32 8.17
CAN 3L4 K . 15.22 -22.82 9.60
N9 3L4 K . 15.17 -21.85 10.63
C4 3L4 K . 14.05 -21.15 11.02
N3 3L4 K . 12.73 -21.16 10.57
C2 3L4 K . 11.83 -20.35 11.13
N2 3L4 K . 10.46 -20.35 10.66
N1 3L4 K . 12.18 -19.54 12.14
C6 3L4 K . 13.44 -19.49 12.62
O6 3L4 K . 13.77 -18.64 13.67
C5 3L4 K . 14.41 -20.34 12.03
N7 3L4 K . 15.78 -20.54 12.26
C8 3L4 K . 16.21 -21.46 11.39
MG MG L . 15.47 -19.39 3.71
MG MG M . 10.99 -23.92 7.26
OAG 3L4 N . 1.84 23.94 15.55
OAG 3L4 N . -2.35 22.80 13.70
PBB 3L4 N . 1.12 23.06 16.58
PBB 3L4 N . -1.71 22.01 14.84
OAH 3L4 N . 0.11 22.24 15.89
OAH 3L4 N . -2.21 20.62 14.81
OAD 3L4 N . 2.15 22.12 17.27
OAD 3L4 N . -0.17 22.02 14.66
CAP 3L4 N . 0.30 24.21 17.81
CAP 3L4 N . -2.14 22.76 16.49
OAT 3L4 N . 0.34 23.90 19.16
OAT 3L4 N . -2.04 21.87 17.56
CAJ 3L4 N . -0.85 23.64 19.81
CAJ 3L4 N . -1.61 22.29 18.79
CAK 3L4 N . -0.81 22.72 21.04
CAK 3L4 N . -2.35 21.69 19.98
NAY 3L4 N . -1.45 21.44 20.97
NAY 3L4 N . -1.62 21.36 21.16
CAM 3L4 N . -2.21 21.24 22.26
CAM 3L4 N . -2.56 20.78 22.22
CAO 3L4 N . -2.04 20.01 23.10
CAO 3L4 N . -2.06 19.94 23.35
PBA 3L4 N . -2.95 19.91 24.67
PBA 3L4 N . -3.10 19.78 24.85
OAE 3L4 N . -3.94 21.12 24.80
OAE 3L4 N . -4.09 20.98 24.96
OAF 3L4 N . -3.77 18.59 24.78
OAF 3L4 N . -3.94 18.46 24.83
OAC 3L4 N . -1.97 19.98 25.83
OAC 3L4 N . -2.20 19.78 26.08
CAL 3L4 N . -0.37 20.38 20.82
CAL 3L4 N . -0.46 20.41 20.84
CAN 3L4 N . 0.83 20.55 21.77
CAN 3L4 N . 0.80 20.59 21.72
N9 3L4 N . 1.77 19.50 21.97
N9 3L4 N . 1.73 19.55 21.93
C4 3L4 N . 2.65 18.97 21.03
C4 3L4 N . 2.62 19.00 21.01
N3 3L4 N . 2.89 19.20 19.68
N3 3L4 N . 2.88 19.22 19.65
C2 3L4 N . 3.82 18.50 19.03
C2 3L4 N . 3.82 18.51 19.02
N2 3L4 N . 4.07 18.76 17.65
N2 3L4 N . 4.09 18.76 17.64
N1 3L4 N . 4.54 17.55 19.66
N1 3L4 N . 4.52 17.56 19.67
C6 3L4 N . 4.35 17.26 20.96
C6 3L4 N . 4.31 17.29 20.96
O6 3L4 N . 5.10 16.27 21.60
O6 3L4 N . 5.05 16.30 21.62
C5 3L4 N . 3.36 18.00 21.68
C5 3L4 N . 3.33 18.03 21.66
N7 3L4 N . 2.91 17.97 22.99
N7 3L4 N . 2.87 18.01 22.97
C8 3L4 N . 1.96 18.88 23.15
C8 3L4 N . 1.91 18.93 23.12
MG MG O . -3.82 18.39 17.72
#